data_5K19
#
_entry.id   5K19
#
_cell.length_a   120.014
_cell.length_b   120.014
_cell.length_c   95.307
_cell.angle_alpha   90.00
_cell.angle_beta   90.00
_cell.angle_gamma   120.00
#
_symmetry.space_group_name_H-M   'P 31'
#
loop_
_entity.id
_entity.type
_entity.pdbx_description
1 polymer 'WD repeat-containing protein 20'
2 non-polymer 'SULFATE ION'
3 non-polymer GLYCEROL
4 water water
#
_entity_poly.entity_id   1
_entity_poly.type   'polypeptide(L)'
_entity_poly.pdbx_seq_one_letter_code
;MATEGGGKEMNEIKTQFTTREGLYKLLPHSEYSRPNRVPFNSQGSNPVRVSFVNLNDQSGNGDRLCFNVGRELYFYIYKG
VRKAADLSKPIDKRIYKGTQPTCHDFNHLTATAESVSLLVGFSAGQVQLIDPIKKETSKLFNEERLIDKSRVTCVKWVPG
SESLFLVAHSSGNMYLYNVEHTCGTTAPHYQLLKQGESFAVHTCKSKSTRNPLLKWTVGEGALNEFAFSPDGKFLACVSQ
DGFLRVFNFDSVELHGTMKSYFGGLLCVCWSPDGKYIVTGGEDDLVTVWSFVDCRVIARGHGHKSWVSVVAFDPYTTSVE
EGDPMEFSGSDEDFQDLLHFGRDRANSTQSRLSKRNSTDSRPVSVTYRFGSVGQDTQLCLWDLTEDILFPHQPLSRARTH
TNVMNATSPPAGSNGNSVTTPGNSVPPPLPRSNSLPHSAVSNAGSKSSVMDGAIASGVSKFATLSLHDRKERHHEKDHKR
NHSMGHISSKSSDKLNLVTKTKTDPAKTLGTPLCPRMEDVPLLEPLICKKIAHERLTVLIFLEDCIVTACQEGFICTWGR
PGKVVSFNP
;
_entity_poly.pdbx_strand_id   A,B,C
#
loop_
_chem_comp.id
_chem_comp.type
_chem_comp.name
_chem_comp.formula
GOL non-polymer GLYCEROL 'C3 H8 O3'
SO4 non-polymer 'SULFATE ION' 'O4 S -2'
#
# COMPACT_ATOMS: atom_id res chain seq x y z
N ASN A 11 7.08 18.74 -20.69
CA ASN A 11 6.25 19.84 -20.18
C ASN A 11 5.27 20.30 -21.25
N GLU A 12 4.30 19.44 -21.55
CA GLU A 12 3.23 19.76 -22.49
C GLU A 12 1.88 19.68 -21.79
N ILE A 13 0.92 20.45 -22.27
CA ILE A 13 -0.35 20.64 -21.60
C ILE A 13 -1.20 19.40 -21.67
N LYS A 14 -1.90 19.07 -20.59
CA LYS A 14 -2.80 17.92 -20.60
C LYS A 14 -4.25 18.39 -20.69
N THR A 15 -5.11 17.60 -21.34
CA THR A 15 -6.49 18.01 -21.45
C THR A 15 -7.44 17.03 -20.78
N GLN A 16 -6.90 16.12 -20.01
CA GLN A 16 -7.74 15.18 -19.29
C GLN A 16 -6.92 14.36 -18.30
N PHE A 17 -7.57 13.79 -17.31
CA PHE A 17 -6.87 12.99 -16.31
C PHE A 17 -7.83 11.99 -15.71
N THR A 18 -7.30 10.94 -15.10
CA THR A 18 -8.13 9.88 -14.57
C THR A 18 -7.98 9.72 -13.09
N THR A 19 -9.09 9.54 -12.37
CA THR A 19 -9.04 9.15 -10.98
C THR A 19 -9.96 7.95 -10.80
N ARG A 20 -10.08 7.50 -9.55
CA ARG A 20 -11.02 6.44 -9.19
C ARG A 20 -12.45 6.69 -9.71
N GLU A 21 -12.82 7.95 -9.91
CA GLU A 21 -14.17 8.26 -10.35
C GLU A 21 -14.31 8.11 -11.85
N GLY A 22 -13.19 8.08 -12.55
CA GLY A 22 -13.21 7.94 -13.99
C GLY A 22 -12.44 9.03 -14.70
N LEU A 23 -12.89 9.39 -15.90
CA LEU A 23 -12.21 10.41 -16.68
C LEU A 23 -12.79 11.80 -16.47
N TYR A 24 -11.91 12.78 -16.39
CA TYR A 24 -12.29 14.19 -16.43
C TYR A 24 -11.80 14.69 -17.76
N LYS A 25 -12.55 15.55 -18.43
CA LYS A 25 -12.08 15.96 -19.73
C LYS A 25 -12.40 17.40 -20.04
N LEU A 26 -11.35 18.13 -20.42
CA LEU A 26 -11.44 19.51 -20.84
C LEU A 26 -12.40 19.67 -22.03
N LEU A 27 -13.56 20.29 -21.84
CA LEU A 27 -14.53 20.50 -22.93
C LEU A 27 -14.34 21.83 -23.65
N PRO A 28 -13.52 21.87 -24.72
CA PRO A 28 -13.17 23.14 -25.32
C PRO A 28 -14.34 23.95 -25.85
N HIS A 29 -15.47 23.30 -26.10
CA HIS A 29 -16.64 24.02 -26.57
C HIS A 29 -17.50 24.55 -25.43
N SER A 30 -17.02 24.36 -24.19
CA SER A 30 -17.62 25.03 -23.05
C SER A 30 -16.78 26.23 -22.65
N GLU A 31 -15.74 26.53 -23.42
CA GLU A 31 -14.85 27.60 -23.03
C GLU A 31 -15.47 28.99 -22.98
N TYR A 32 -15.08 29.79 -21.99
CA TYR A 32 -15.48 31.20 -21.97
C TYR A 32 -14.23 32.06 -22.01
N SER A 33 -14.38 33.22 -22.62
CA SER A 33 -13.35 34.23 -22.69
C SER A 33 -13.87 35.47 -23.38
N ARG A 34 -13.01 36.48 -23.41
CA ARG A 34 -13.11 37.64 -24.24
C ARG A 34 -13.60 37.18 -25.63
N PRO A 35 -14.60 37.86 -26.19
CA PRO A 35 -15.15 37.42 -27.50
C PRO A 35 -14.08 37.39 -28.61
N ASN A 36 -13.13 38.41 -28.65
CA ASN A 36 -11.94 38.60 -29.40
C ASN A 36 -11.15 37.26 -29.46
N ARG A 37 -11.24 36.65 -28.26
CA ARG A 37 -10.55 35.36 -28.09
C ARG A 37 -9.01 35.38 -28.09
N VAL A 38 -8.37 36.54 -28.11
CA VAL A 38 -6.92 36.52 -28.09
C VAL A 38 -6.38 36.47 -26.65
N PRO A 39 -5.32 35.68 -26.44
CA PRO A 39 -4.70 35.58 -25.10
C PRO A 39 -4.31 36.93 -24.52
N PHE A 40 -4.79 37.17 -23.31
CA PHE A 40 -4.48 38.37 -22.58
C PHE A 40 -3.09 38.23 -22.02
N ASN A 41 -2.27 39.26 -22.18
CA ASN A 41 -0.94 39.20 -21.59
C ASN A 41 -0.46 40.53 -21.06
N SER A 42 0.03 40.48 -19.82
CA SER A 42 0.69 41.61 -19.18
C SER A 42 1.39 41.14 -17.89
N SER A 45 0.02 41.96 -14.29
CA SER A 45 -1.34 42.52 -14.10
C SER A 45 -2.15 41.95 -12.91
N ASN A 46 -3.48 42.13 -12.98
CA ASN A 46 -4.40 41.63 -11.97
C ASN A 46 -4.91 40.26 -12.32
N PRO A 47 -5.02 39.38 -11.32
CA PRO A 47 -5.38 38.00 -11.63
C PRO A 47 -6.79 37.89 -12.22
N VAL A 48 -6.93 37.01 -13.20
CA VAL A 48 -8.25 36.71 -13.73
C VAL A 48 -9.07 35.91 -12.72
N ARG A 49 -10.23 36.45 -12.35
CA ARG A 49 -11.11 35.84 -11.37
C ARG A 49 -12.52 35.55 -11.95
N VAL A 50 -13.25 34.66 -11.28
CA VAL A 50 -14.49 34.07 -11.75
C VAL A 50 -15.53 33.94 -10.64
N SER A 51 -16.74 34.41 -10.88
CA SER A 51 -17.83 34.20 -9.91
C SER A 51 -19.00 33.54 -10.63
N PHE A 52 -19.72 32.69 -9.90
CA PHE A 52 -20.92 32.00 -10.41
C PHE A 52 -22.15 32.28 -9.56
N VAL A 53 -23.30 32.53 -10.19
CA VAL A 53 -24.51 32.67 -9.39
C VAL A 53 -25.67 32.00 -10.11
N ASN A 54 -26.60 31.48 -9.30
CA ASN A 54 -27.86 30.92 -9.78
C ASN A 54 -29.02 31.89 -9.50
N LEU A 55 -30.05 31.84 -10.32
CA LEU A 55 -31.17 32.76 -10.11
C LEU A 55 -32.45 32.04 -9.70
N ASN A 56 -32.33 31.09 -8.77
CA ASN A 56 -33.47 30.25 -8.35
C ASN A 56 -34.18 29.58 -9.54
N SER A 59 -35.43 28.52 -13.05
CA SER A 59 -35.73 27.68 -14.22
C SER A 59 -34.52 26.86 -14.68
N GLY A 60 -34.44 26.64 -15.99
CA GLY A 60 -33.47 25.73 -16.58
C GLY A 60 -32.06 26.29 -16.67
N ASN A 61 -31.86 27.30 -17.51
CA ASN A 61 -30.54 27.89 -17.67
C ASN A 61 -30.34 29.15 -16.82
N GLY A 62 -30.31 28.99 -15.50
CA GLY A 62 -30.18 30.13 -14.59
C GLY A 62 -28.84 30.36 -13.90
N ASP A 63 -27.76 29.84 -14.49
CA ASP A 63 -26.41 30.10 -13.98
C ASP A 63 -25.78 31.30 -14.66
N ARG A 64 -25.16 32.15 -13.86
CA ARG A 64 -24.44 33.26 -14.45
C ARG A 64 -22.99 33.16 -14.09
N LEU A 65 -22.16 33.57 -15.05
CA LEU A 65 -20.72 33.67 -14.83
C LEU A 65 -20.27 35.10 -14.98
N CYS A 66 -19.42 35.53 -14.06
CA CYS A 66 -18.77 36.80 -14.23
C CYS A 66 -17.29 36.56 -14.15
N PHE A 67 -16.54 37.23 -14.99
CA PHE A 67 -15.09 37.14 -14.91
C PHE A 67 -14.46 38.43 -15.41
N ASN A 68 -13.21 38.63 -15.04
CA ASN A 68 -12.49 39.86 -15.33
C ASN A 68 -11.19 39.60 -16.05
N VAL A 69 -10.72 40.55 -16.86
CA VAL A 69 -9.47 40.31 -17.58
C VAL A 69 -8.32 41.33 -17.42
N GLY A 70 -8.45 42.52 -18.00
CA GLY A 70 -7.49 43.59 -17.84
C GLY A 70 -8.33 44.77 -17.39
N ARG A 71 -9.03 45.36 -18.33
CA ARG A 71 -9.94 46.44 -18.02
C ARG A 71 -11.40 45.98 -18.18
N GLU A 72 -11.58 44.74 -18.64
CA GLU A 72 -12.93 44.30 -18.98
C GLU A 72 -13.54 43.33 -17.95
N LEU A 73 -14.75 43.64 -17.51
CA LEU A 73 -15.56 42.72 -16.73
C LEU A 73 -16.69 42.16 -17.63
N TYR A 74 -16.76 40.84 -17.74
CA TYR A 74 -17.80 40.20 -18.53
C TYR A 74 -18.84 39.45 -17.69
N PHE A 75 -20.07 39.46 -18.18
CA PHE A 75 -21.17 38.79 -17.54
C PHE A 75 -21.96 37.95 -18.57
N TYR A 76 -21.96 36.64 -18.41
CA TYR A 76 -22.62 35.73 -19.32
C TYR A 76 -23.58 34.77 -18.62
N ILE A 77 -24.35 34.06 -19.42
CA ILE A 77 -25.01 32.84 -19.00
C ILE A 77 -23.97 31.74 -19.03
N TYR A 78 -23.93 30.94 -17.98
CA TYR A 78 -22.99 29.85 -17.95
C TYR A 78 -23.70 28.55 -18.26
N LYS A 79 -23.31 27.91 -19.36
CA LYS A 79 -24.01 26.72 -19.80
C LYS A 79 -23.30 25.42 -19.41
N GLY A 80 -22.50 25.48 -18.34
CA GLY A 80 -21.86 24.31 -17.76
C GLY A 80 -21.14 23.41 -18.77
N VAL A 81 -21.51 22.14 -18.81
CA VAL A 81 -20.88 21.22 -19.75
C VAL A 81 -21.45 21.25 -21.19
N ARG A 82 -22.45 22.11 -21.45
CA ARG A 82 -23.00 22.28 -22.82
C ARG A 82 -22.15 23.24 -23.64
N LYS A 83 -22.54 23.50 -24.88
CA LYS A 83 -21.78 24.46 -25.66
C LYS A 83 -21.96 25.82 -25.03
N ALA A 84 -20.85 26.53 -24.82
CA ALA A 84 -20.91 27.86 -24.21
C ALA A 84 -21.83 28.80 -24.96
N ALA A 85 -22.57 29.60 -24.20
CA ALA A 85 -23.24 30.78 -24.71
C ALA A 85 -22.38 31.71 -25.58
N ASP A 86 -22.99 32.25 -26.62
CA ASP A 86 -22.31 33.14 -27.56
C ASP A 86 -21.51 34.29 -26.92
N LEU A 87 -20.19 34.26 -27.08
CA LEU A 87 -19.31 35.27 -26.46
C LEU A 87 -19.48 36.66 -27.10
N SER A 88 -20.05 36.68 -28.29
CA SER A 88 -20.26 37.89 -29.07
C SER A 88 -21.27 38.81 -28.36
N LYS A 89 -22.08 38.23 -27.49
CA LYS A 89 -23.22 38.94 -26.92
C LYS A 89 -23.35 38.69 -25.41
N PRO A 90 -22.55 39.40 -24.61
CA PRO A 90 -22.69 39.24 -23.16
C PRO A 90 -23.91 39.98 -22.62
N ILE A 91 -24.57 39.42 -21.62
CA ILE A 91 -25.59 40.16 -20.89
C ILE A 91 -25.11 41.54 -20.44
N ASP A 92 -23.91 41.59 -19.87
CA ASP A 92 -23.32 42.85 -19.44
C ASP A 92 -21.78 42.87 -19.61
N LYS A 93 -21.23 44.05 -19.87
CA LYS A 93 -19.80 44.20 -20.06
C LYS A 93 -19.39 45.57 -19.54
N ARG A 94 -18.29 45.66 -18.80
CA ARG A 94 -17.85 46.95 -18.30
C ARG A 94 -16.40 47.19 -18.65
N ILE A 95 -16.09 48.42 -19.05
CA ILE A 95 -14.71 48.77 -19.33
C ILE A 95 -14.23 49.75 -18.27
N TYR A 96 -13.14 49.43 -17.61
CA TYR A 96 -12.59 50.34 -16.59
C TYR A 96 -11.31 50.93 -17.07
N LYS A 97 -11.29 52.25 -17.19
CA LYS A 97 -10.24 52.86 -17.95
C LYS A 97 -9.16 53.37 -17.03
N GLY A 98 -9.49 53.45 -15.75
CA GLY A 98 -8.50 53.82 -14.74
C GLY A 98 -8.08 52.61 -13.92
N THR A 99 -8.43 52.59 -12.64
CA THR A 99 -8.11 51.42 -11.85
C THR A 99 -8.85 50.18 -12.38
N GLN A 100 -8.24 48.99 -12.27
CA GLN A 100 -8.76 47.76 -12.87
C GLN A 100 -9.28 46.77 -11.83
N PRO A 101 -10.27 45.95 -12.20
CA PRO A 101 -10.82 44.96 -11.25
C PRO A 101 -9.80 43.94 -10.73
N THR A 102 -9.96 43.50 -9.48
CA THR A 102 -9.09 42.47 -8.89
C THR A 102 -9.88 41.25 -8.45
N CYS A 103 -11.13 41.43 -8.03
CA CYS A 103 -11.94 40.32 -7.54
C CYS A 103 -13.41 40.69 -7.50
N HIS A 104 -14.28 39.72 -7.24
CA HIS A 104 -15.72 40.00 -7.23
C HIS A 104 -16.58 38.91 -6.58
N ASP A 105 -17.79 39.27 -6.18
CA ASP A 105 -18.67 38.36 -5.48
C ASP A 105 -20.15 38.68 -5.72
N PHE A 106 -20.91 37.69 -6.20
CA PHE A 106 -22.37 37.78 -6.27
C PHE A 106 -22.99 37.60 -4.89
N ASN A 107 -24.17 38.18 -4.68
CA ASN A 107 -24.94 37.89 -3.48
C ASN A 107 -25.95 36.77 -3.74
N HIS A 108 -25.72 35.61 -3.13
CA HIS A 108 -26.51 34.43 -3.45
C HIS A 108 -27.85 34.44 -2.75
N LEU A 109 -27.99 35.40 -1.84
CA LEU A 109 -29.21 35.47 -1.09
C LEU A 109 -30.26 36.29 -1.85
N THR A 110 -29.84 37.36 -2.50
CA THR A 110 -30.78 38.27 -3.12
C THR A 110 -30.80 38.14 -4.64
N ALA A 111 -30.12 37.14 -5.18
CA ALA A 111 -30.17 36.90 -6.62
C ALA A 111 -31.60 36.56 -7.02
N THR A 112 -32.04 37.06 -8.17
CA THR A 112 -33.29 36.66 -8.80
C THR A 112 -33.09 36.81 -10.29
N ALA A 113 -34.08 36.37 -11.07
CA ALA A 113 -34.03 36.53 -12.52
C ALA A 113 -34.10 38.00 -12.91
N GLU A 114 -34.68 38.82 -12.05
CA GLU A 114 -34.80 40.23 -12.36
C GLU A 114 -33.52 41.00 -12.00
N SER A 115 -32.71 40.42 -11.11
CA SER A 115 -31.63 41.21 -10.53
C SER A 115 -30.61 40.39 -9.75
N VAL A 116 -29.33 40.78 -9.86
CA VAL A 116 -28.25 40.29 -8.97
C VAL A 116 -27.30 41.37 -8.50
N SER A 117 -26.90 41.28 -7.24
CA SER A 117 -25.92 42.18 -6.70
C SER A 117 -24.52 41.65 -6.88
N LEU A 118 -23.75 42.35 -7.71
CA LEU A 118 -22.34 42.03 -7.90
C LEU A 118 -21.43 43.06 -7.25
N LEU A 119 -20.63 42.62 -6.29
CA LEU A 119 -19.57 43.45 -5.78
C LEU A 119 -18.32 43.25 -6.59
N VAL A 120 -17.60 44.34 -6.85
CA VAL A 120 -16.29 44.27 -7.55
C VAL A 120 -15.24 45.10 -6.85
N GLY A 121 -14.09 44.51 -6.53
CA GLY A 121 -13.03 45.28 -5.90
C GLY A 121 -11.98 45.76 -6.89
N PHE A 122 -11.30 46.86 -6.57
CA PHE A 122 -10.29 47.40 -7.49
C PHE A 122 -8.86 47.57 -6.94
N SER A 123 -7.95 47.85 -7.87
CA SER A 123 -6.54 48.01 -7.62
C SER A 123 -6.22 49.20 -6.73
N ALA A 124 -7.01 50.26 -6.85
CA ALA A 124 -6.77 51.43 -6.03
C ALA A 124 -7.62 51.37 -4.77
N GLY A 125 -8.19 50.21 -4.49
CA GLY A 125 -8.86 50.02 -3.24
C GLY A 125 -10.35 50.31 -3.21
N GLN A 126 -10.94 50.78 -4.32
CA GLN A 126 -12.40 51.02 -4.37
C GLN A 126 -13.16 49.71 -4.41
N VAL A 127 -14.45 49.77 -4.11
CA VAL A 127 -15.35 48.67 -4.40
C VAL A 127 -16.62 49.17 -5.07
N GLN A 128 -17.01 48.52 -6.15
CA GLN A 128 -18.20 48.91 -6.86
C GLN A 128 -19.30 47.86 -6.71
N LEU A 129 -20.53 48.32 -6.54
CA LEU A 129 -21.68 47.44 -6.57
C LEU A 129 -22.40 47.57 -7.91
N ILE A 130 -22.75 46.45 -8.52
CA ILE A 130 -23.25 46.45 -9.88
C ILE A 130 -24.40 45.49 -10.04
N ASP A 131 -25.49 45.96 -10.64
CA ASP A 131 -26.59 45.09 -11.06
C ASP A 131 -26.44 44.78 -12.53
N PRO A 132 -25.74 43.69 -12.87
CA PRO A 132 -25.49 43.40 -14.28
C PRO A 132 -26.77 43.01 -15.09
N ILE A 133 -27.87 42.73 -14.39
CA ILE A 133 -29.12 42.36 -15.07
C ILE A 133 -30.01 43.59 -15.33
N LYS A 134 -30.66 44.05 -14.28
CA LYS A 134 -31.52 45.25 -14.30
C LYS A 134 -30.76 46.54 -14.71
N LYS A 135 -29.46 46.60 -14.39
CA LYS A 135 -28.58 47.71 -14.77
C LYS A 135 -29.05 49.11 -14.34
N GLU A 136 -29.80 49.20 -13.26
CA GLU A 136 -30.18 50.50 -12.76
C GLU A 136 -29.55 50.73 -11.41
N THR A 137 -28.36 50.15 -11.22
CA THR A 137 -27.66 50.21 -9.93
C THR A 137 -26.16 50.20 -10.08
N SER A 138 -25.49 51.26 -9.67
CA SER A 138 -24.07 51.23 -9.71
C SER A 138 -23.59 52.13 -8.60
N LYS A 139 -22.99 51.55 -7.54
CA LYS A 139 -22.60 52.31 -6.35
C LYS A 139 -21.12 52.11 -6.02
N LEU A 140 -20.45 53.20 -5.69
CA LEU A 140 -19.05 53.19 -5.36
C LEU A 140 -18.81 53.18 -3.86
N PHE A 141 -17.83 52.41 -3.41
CA PHE A 141 -17.45 52.47 -2.01
C PHE A 141 -15.96 52.79 -1.97
N ASN A 142 -15.61 53.72 -1.08
CA ASN A 142 -14.24 54.18 -0.94
C ASN A 142 -13.76 54.86 -2.20
N GLU A 143 -14.65 55.63 -2.81
CA GLU A 143 -14.28 56.30 -4.06
C GLU A 143 -13.05 57.20 -3.93
N GLU A 144 -12.99 58.01 -2.87
CA GLU A 144 -11.90 58.96 -2.72
C GLU A 144 -10.68 58.32 -2.11
N ARG A 145 -10.74 57.01 -1.85
CA ARG A 145 -9.60 56.26 -1.37
C ARG A 145 -9.12 56.70 0.02
N LEU A 146 -10.04 57.23 0.82
CA LEU A 146 -9.71 57.75 2.14
C LEU A 146 -9.76 56.66 3.22
N ILE A 147 -10.42 55.56 2.90
CA ILE A 147 -10.44 54.40 3.80
C ILE A 147 -9.19 53.54 3.65
N ASP A 148 -8.75 53.37 2.40
CA ASP A 148 -7.56 52.59 2.10
C ASP A 148 -7.11 52.87 0.68
N LYS A 149 -5.80 52.99 0.48
CA LYS A 149 -5.23 53.36 -0.82
C LYS A 149 -4.82 52.10 -1.55
N SER A 150 -4.75 51.00 -0.83
CA SER A 150 -4.11 49.81 -1.37
C SER A 150 -5.11 48.86 -2.02
N ARG A 151 -4.59 47.99 -2.89
CA ARG A 151 -5.46 47.15 -3.70
C ARG A 151 -6.34 46.21 -2.90
N VAL A 152 -7.58 46.07 -3.34
CA VAL A 152 -8.48 45.07 -2.82
C VAL A 152 -7.95 43.70 -3.23
N THR A 153 -7.93 42.77 -2.29
CA THR A 153 -7.45 41.42 -2.56
C THR A 153 -8.58 40.42 -2.55
N CYS A 154 -9.72 40.82 -2.01
CA CYS A 154 -10.79 39.89 -1.70
C CYS A 154 -12.04 40.61 -1.20
N VAL A 155 -13.20 40.29 -1.81
CA VAL A 155 -14.51 40.78 -1.37
C VAL A 155 -15.50 39.67 -1.26
N LYS A 156 -16.26 39.69 -0.19
CA LYS A 156 -17.24 38.64 0.01
C LYS A 156 -18.47 39.23 0.67
N TRP A 157 -19.63 38.86 0.16
CA TRP A 157 -20.82 39.17 0.90
C TRP A 157 -20.71 38.37 2.19
N VAL A 158 -20.99 39.03 3.30
CA VAL A 158 -21.18 38.31 4.55
C VAL A 158 -22.22 37.22 4.36
N PRO A 159 -21.91 35.99 4.81
CA PRO A 159 -22.85 34.88 4.67
C PRO A 159 -24.19 35.20 5.30
N GLY A 160 -25.27 34.86 4.60
CA GLY A 160 -26.62 35.03 5.11
C GLY A 160 -27.07 36.47 5.18
N SER A 161 -26.29 37.39 4.62
CA SER A 161 -26.63 38.80 4.72
C SER A 161 -27.07 39.37 3.39
N GLU A 162 -28.01 40.31 3.44
CA GLU A 162 -28.48 40.97 2.25
C GLU A 162 -27.70 42.24 2.00
N SER A 163 -26.99 42.74 3.02
CA SER A 163 -26.46 44.09 2.91
C SER A 163 -25.01 44.30 3.32
N LEU A 164 -24.46 43.36 4.08
CA LEU A 164 -23.11 43.49 4.60
C LEU A 164 -22.09 42.78 3.73
N PHE A 165 -20.97 43.44 3.48
CA PHE A 165 -19.86 42.71 2.87
C PHE A 165 -18.53 43.08 3.52
N LEU A 166 -17.57 42.17 3.36
CA LEU A 166 -16.23 42.29 3.93
C LEU A 166 -15.21 42.39 2.81
N VAL A 167 -14.31 43.35 2.89
CA VAL A 167 -13.29 43.50 1.87
C VAL A 167 -11.90 43.62 2.49
N ALA A 168 -10.98 42.74 2.05
CA ALA A 168 -9.60 42.78 2.48
C ALA A 168 -8.73 43.64 1.53
N HIS A 169 -7.58 44.08 2.02
CA HIS A 169 -6.68 44.94 1.24
C HIS A 169 -5.21 44.55 1.39
N SER A 170 -4.46 45.00 0.41
CA SER A 170 -3.03 44.88 0.33
C SER A 170 -2.34 45.36 1.61
N SER A 171 -2.98 46.30 2.29
CA SER A 171 -2.41 47.00 3.45
C SER A 171 -2.47 46.19 4.74
N GLY A 172 -3.10 45.02 4.69
CA GLY A 172 -3.32 44.24 5.87
C GLY A 172 -4.66 44.46 6.56
N ASN A 173 -5.56 45.23 5.98
CA ASN A 173 -6.82 45.45 6.67
C ASN A 173 -8.05 44.83 5.99
N MET A 174 -9.10 44.60 6.78
CA MET A 174 -10.40 44.35 6.22
C MET A 174 -11.36 45.40 6.73
N TYR A 175 -12.37 45.74 5.92
CA TYR A 175 -13.39 46.66 6.37
C TYR A 175 -14.75 46.02 6.17
N LEU A 176 -15.69 46.39 7.03
CA LEU A 176 -17.05 45.93 6.87
C LEU A 176 -17.85 47.10 6.34
N TYR A 177 -18.65 46.82 5.32
CA TYR A 177 -19.48 47.85 4.73
C TYR A 177 -20.94 47.45 4.75
N ASN A 178 -21.81 48.44 4.81
CA ASN A 178 -23.22 48.24 4.52
C ASN A 178 -23.56 48.86 3.18
N VAL A 179 -24.15 48.07 2.30
CA VAL A 179 -24.54 48.59 1.00
C VAL A 179 -25.45 49.81 1.16
N GLU A 180 -26.35 49.75 2.12
CA GLU A 180 -27.38 50.75 2.24
C GLU A 180 -26.86 52.05 2.85
N HIS A 181 -25.64 52.07 3.38
CA HIS A 181 -25.15 53.33 3.94
C HIS A 181 -24.22 54.01 2.98
N THR A 182 -23.71 55.17 3.38
CA THR A 182 -22.82 55.95 2.53
C THR A 182 -21.40 56.19 3.01
N CYS A 183 -20.64 56.65 2.04
CA CYS A 183 -19.69 57.71 2.13
C CYS A 183 -18.43 57.14 2.73
N GLY A 184 -17.74 57.77 3.70
CA GLY A 184 -17.87 59.12 4.21
C GLY A 184 -17.10 60.14 3.41
N THR A 185 -17.22 61.40 3.79
CA THR A 185 -16.61 62.46 3.02
C THR A 185 -15.26 62.79 3.62
N THR A 186 -15.10 62.47 4.89
CA THR A 186 -13.83 62.63 5.54
C THR A 186 -13.36 61.26 6.00
N ALA A 187 -12.05 61.10 6.22
CA ALA A 187 -11.50 59.85 6.71
C ALA A 187 -12.08 59.55 8.09
N PRO A 188 -12.41 58.28 8.34
CA PRO A 188 -13.13 57.94 9.58
C PRO A 188 -12.22 58.07 10.79
N HIS A 189 -12.78 58.56 11.88
CA HIS A 189 -12.05 58.61 13.13
C HIS A 189 -12.35 57.30 13.83
N TYR A 190 -11.33 56.49 14.05
CA TYR A 190 -11.54 55.15 14.57
C TYR A 190 -11.47 55.10 16.08
N GLN A 191 -12.15 54.12 16.67
CA GLN A 191 -12.01 53.84 18.09
C GLN A 191 -11.91 52.33 18.33
N LEU A 192 -10.92 51.93 19.13
CA LEU A 192 -10.64 50.52 19.38
C LEU A 192 -11.83 49.78 19.98
N LEU A 193 -11.90 48.48 19.73
CA LEU A 193 -12.99 47.65 20.23
C LEU A 193 -12.43 46.33 20.75
N LYS A 194 -11.31 45.90 20.18
CA LYS A 194 -10.63 44.70 20.62
C LYS A 194 -9.20 44.77 20.13
N GLN A 195 -8.27 44.39 21.00
CA GLN A 195 -6.90 44.21 20.64
C GLN A 195 -6.58 42.75 20.98
N GLY A 196 -5.64 42.15 20.28
CA GLY A 196 -5.38 40.74 20.48
C GLY A 196 -4.00 40.39 20.03
N GLU A 197 -3.75 39.11 19.95
CA GLU A 197 -2.49 38.60 19.49
C GLU A 197 -2.37 38.79 17.99
N SER A 198 -1.71 39.86 17.59
CA SER A 198 -1.51 40.19 16.17
C SER A 198 -2.73 40.75 15.43
N PHE A 199 -3.71 41.30 16.17
CA PHE A 199 -4.83 41.93 15.51
C PHE A 199 -5.56 42.94 16.37
N ALA A 200 -6.21 43.89 15.71
CA ALA A 200 -7.09 44.83 16.36
C ALA A 200 -8.39 44.98 15.55
N VAL A 201 -9.39 45.60 16.17
CA VAL A 201 -10.64 45.90 15.51
C VAL A 201 -11.07 47.28 15.96
N HIS A 202 -11.45 48.14 15.02
CA HIS A 202 -11.85 49.49 15.38
C HIS A 202 -13.24 49.78 14.84
N THR A 203 -13.91 50.74 15.45
CA THR A 203 -15.15 51.29 14.93
C THR A 203 -14.87 52.76 14.67
N CYS A 204 -15.86 53.45 14.13
CA CYS A 204 -15.82 54.90 14.07
C CYS A 204 -17.10 55.48 14.70
N LYS A 205 -17.21 56.80 14.77
CA LYS A 205 -18.41 57.41 15.33
C LYS A 205 -19.02 58.42 14.35
N THR A 209 -25.04 54.82 10.85
CA THR A 209 -25.47 55.39 9.57
C THR A 209 -24.32 55.61 8.57
N ARG A 210 -23.07 55.33 8.97
CA ARG A 210 -21.92 55.60 8.10
C ARG A 210 -21.14 54.32 7.68
N ASN A 211 -20.34 54.45 6.63
CA ASN A 211 -20.11 53.25 5.87
C ASN A 211 -19.09 52.26 6.09
N PRO A 212 -17.84 52.68 6.57
CA PRO A 212 -17.09 51.52 7.10
C PRO A 212 -17.64 51.27 8.50
N LEU A 213 -18.12 50.07 8.78
CA LEU A 213 -18.63 49.75 10.10
C LEU A 213 -17.48 49.48 11.06
N LEU A 214 -16.60 48.56 10.67
CA LEU A 214 -15.41 48.38 11.45
C LEU A 214 -14.20 48.14 10.57
N LYS A 215 -13.03 48.48 11.10
CA LYS A 215 -11.75 48.21 10.47
C LYS A 215 -11.10 47.12 11.26
N TRP A 216 -10.53 46.16 10.56
CA TRP A 216 -10.09 44.96 11.19
C TRP A 216 -8.66 44.69 10.76
N THR A 217 -7.69 45.03 11.61
CA THR A 217 -6.27 44.91 11.27
C THR A 217 -5.72 43.54 11.60
N VAL A 218 -5.11 42.88 10.62
CA VAL A 218 -4.59 41.54 10.88
C VAL A 218 -3.13 41.42 10.50
N GLY A 219 -2.32 40.99 11.47
CA GLY A 219 -0.94 40.63 11.26
C GLY A 219 -0.11 41.71 10.62
N GLU A 220 0.80 41.32 9.76
CA GLU A 220 1.63 42.29 9.07
C GLU A 220 1.72 41.95 7.58
N GLY A 221 1.54 42.95 6.74
CA GLY A 221 1.58 42.73 5.32
C GLY A 221 0.23 42.37 4.74
N ALA A 222 0.25 42.08 3.45
CA ALA A 222 -0.96 41.87 2.68
C ALA A 222 -1.81 40.79 3.28
N LEU A 223 -3.11 41.08 3.32
CA LEU A 223 -4.10 40.06 3.55
C LEU A 223 -4.53 39.45 2.21
N ASN A 224 -4.00 38.27 1.91
CA ASN A 224 -4.15 37.64 0.61
C ASN A 224 -5.55 37.14 0.30
N GLU A 225 -6.12 36.37 1.22
CA GLU A 225 -7.48 35.89 1.08
C GLU A 225 -8.12 35.65 2.46
N PHE A 226 -9.44 35.75 2.51
CA PHE A 226 -10.21 35.20 3.60
C PHE A 226 -11.33 34.34 3.04
N ALA A 227 -11.90 33.49 3.87
CA ALA A 227 -13.00 32.62 3.50
C ALA A 227 -13.85 32.40 4.74
N PHE A 228 -15.17 32.53 4.61
CA PHE A 228 -16.01 32.21 5.75
C PHE A 228 -16.18 30.70 5.87
N SER A 229 -16.37 30.25 7.10
CA SER A 229 -16.73 28.87 7.35
C SER A 229 -18.07 28.63 6.70
N PRO A 230 -18.30 27.39 6.26
CA PRO A 230 -19.60 27.06 5.65
C PRO A 230 -20.80 27.48 6.49
N ASP A 231 -20.65 27.67 7.80
CA ASP A 231 -21.77 28.15 8.62
C ASP A 231 -21.72 29.65 8.86
N GLY A 232 -20.67 30.28 8.33
CA GLY A 232 -20.55 31.72 8.40
C GLY A 232 -20.17 32.26 9.78
N LYS A 233 -19.97 31.37 10.75
CA LYS A 233 -19.65 31.81 12.10
C LYS A 233 -18.16 32.18 12.28
N PHE A 234 -17.27 31.55 11.51
CA PHE A 234 -15.84 31.87 11.63
C PHE A 234 -15.18 32.40 10.35
N LEU A 235 -14.19 33.27 10.53
CA LEU A 235 -13.40 33.83 9.42
C LEU A 235 -11.95 33.32 9.38
N ALA A 236 -11.52 32.80 8.23
CA ALA A 236 -10.15 32.35 8.12
C ALA A 236 -9.37 33.28 7.18
N CYS A 237 -8.20 33.71 7.62
CA CYS A 237 -7.39 34.68 6.93
C CYS A 237 -5.99 34.19 6.70
N VAL A 238 -5.39 34.55 5.58
CA VAL A 238 -4.00 34.22 5.35
C VAL A 238 -3.26 35.45 4.87
N SER A 239 -2.10 35.68 5.47
CA SER A 239 -1.36 36.90 5.28
C SER A 239 0.01 36.66 4.71
N GLN A 240 0.61 37.77 4.30
CA GLN A 240 1.96 37.81 3.80
C GLN A 240 3.00 37.45 4.89
N ASP A 241 2.60 37.48 6.15
CA ASP A 241 3.55 37.15 7.22
C ASP A 241 3.62 35.66 7.52
N GLY A 242 2.90 34.86 6.78
CA GLY A 242 3.04 33.42 6.91
C GLY A 242 1.92 32.84 7.74
N PHE A 243 1.10 33.69 8.35
CA PHE A 243 0.06 33.20 9.24
C PHE A 243 -1.32 32.91 8.63
N LEU A 244 -1.84 31.74 9.01
CA LEU A 244 -3.26 31.47 8.98
C LEU A 244 -3.84 31.95 10.30
N ARG A 245 -4.89 32.75 10.25
CA ARG A 245 -5.54 33.18 11.48
C ARG A 245 -7.02 33.00 11.29
N VAL A 246 -7.64 32.27 12.20
CA VAL A 246 -9.06 32.02 12.09
C VAL A 246 -9.82 32.60 13.29
N PHE A 247 -10.74 33.52 12.99
CA PHE A 247 -11.45 34.27 14.02
C PHE A 247 -12.85 33.75 14.24
N ASN A 248 -13.45 34.16 15.35
CA ASN A 248 -14.85 33.91 15.62
C ASN A 248 -15.58 35.17 15.20
N PHE A 249 -16.24 35.12 14.04
CA PHE A 249 -16.60 36.36 13.38
C PHE A 249 -17.52 37.28 14.19
N ASP A 250 -18.61 36.74 14.72
CA ASP A 250 -19.54 37.59 15.46
C ASP A 250 -18.88 37.99 16.77
N SER A 251 -18.22 37.02 17.40
CA SER A 251 -17.57 37.27 18.69
C SER A 251 -16.33 38.18 18.61
N VAL A 252 -15.62 38.13 17.48
CA VAL A 252 -14.40 38.92 17.25
C VAL A 252 -13.30 38.49 18.21
N GLU A 253 -12.84 37.26 18.03
CA GLU A 253 -11.73 36.83 18.83
C GLU A 253 -11.07 35.61 18.23
N LEU A 254 -9.74 35.63 18.34
CA LEU A 254 -8.90 34.61 17.76
C LEU A 254 -9.30 33.23 18.25
N HIS A 255 -9.32 32.27 17.35
CA HIS A 255 -9.69 30.91 17.70
C HIS A 255 -8.50 30.00 17.52
N GLY A 256 -7.58 30.40 16.65
CA GLY A 256 -6.42 29.56 16.41
C GLY A 256 -5.59 30.09 15.27
N THR A 257 -4.31 29.75 15.26
CA THR A 257 -3.40 30.18 14.21
C THR A 257 -2.46 29.09 13.73
N MET A 258 -1.71 29.40 12.68
CA MET A 258 -0.79 28.47 12.09
C MET A 258 0.20 29.23 11.25
N LYS A 259 1.46 28.81 11.24
CA LYS A 259 2.45 29.51 10.45
C LYS A 259 3.15 28.54 9.54
N SER A 260 3.43 28.95 8.30
CA SER A 260 4.18 28.05 7.44
C SER A 260 5.64 28.24 7.74
N TYR A 261 6.48 27.31 7.28
CA TYR A 261 7.89 27.38 7.58
C TYR A 261 8.62 28.42 6.74
N PHE A 262 7.98 28.89 5.68
CA PHE A 262 8.63 29.81 4.76
C PHE A 262 7.63 30.53 3.90
N GLY A 263 7.80 31.84 3.79
CA GLY A 263 6.98 32.66 2.92
C GLY A 263 5.60 32.89 3.49
N GLY A 264 4.75 33.58 2.74
CA GLY A 264 3.42 33.94 3.19
C GLY A 264 2.43 32.88 2.78
N LEU A 265 1.23 32.94 3.34
CA LEU A 265 0.15 32.07 2.89
C LEU A 265 -0.76 32.85 1.93
N LEU A 266 -1.08 32.23 0.80
CA LEU A 266 -1.75 32.94 -0.30
C LEU A 266 -3.22 32.68 -0.49
N CYS A 267 -3.70 31.52 -0.07
CA CYS A 267 -5.11 31.16 -0.29
C CYS A 267 -5.62 30.21 0.80
N VAL A 268 -6.93 30.21 1.03
CA VAL A 268 -7.57 29.34 2.04
C VAL A 268 -8.86 28.75 1.55
N CYS A 269 -9.27 27.65 2.17
CA CYS A 269 -10.61 27.16 1.95
C CYS A 269 -11.01 26.29 3.13
N TRP A 270 -12.31 26.19 3.37
CA TRP A 270 -12.83 25.27 4.37
C TRP A 270 -13.28 23.95 3.76
N SER A 271 -13.30 22.89 4.56
CA SER A 271 -13.97 21.65 4.16
C SER A 271 -15.47 21.88 4.24
N PRO A 272 -16.27 21.15 3.44
CA PRO A 272 -17.69 21.50 3.36
C PRO A 272 -18.44 21.25 4.66
N ASP A 273 -17.79 20.57 5.60
CA ASP A 273 -18.35 20.42 6.93
C ASP A 273 -17.74 21.41 7.90
N GLY A 274 -16.77 22.17 7.41
CA GLY A 274 -16.10 23.20 8.20
C GLY A 274 -15.18 22.71 9.30
N LYS A 275 -14.77 21.45 9.22
CA LYS A 275 -13.93 20.91 10.27
C LYS A 275 -12.47 21.12 9.94
N TYR A 276 -12.21 21.35 8.66
CA TYR A 276 -10.85 21.56 8.21
C TYR A 276 -10.67 22.82 7.39
N ILE A 277 -9.48 23.39 7.56
CA ILE A 277 -9.07 24.55 6.81
C ILE A 277 -7.91 24.07 5.98
N VAL A 278 -7.83 24.53 4.74
CA VAL A 278 -6.72 24.21 3.89
C VAL A 278 -6.08 25.48 3.36
N THR A 279 -4.75 25.58 3.47
CA THR A 279 -4.03 26.73 2.89
C THR A 279 -3.08 26.28 1.79
N GLY A 280 -2.71 27.20 0.92
CA GLY A 280 -1.65 26.97 -0.05
C GLY A 280 -0.67 28.12 0.07
N GLY A 281 0.61 27.89 -0.18
CA GLY A 281 1.59 28.92 0.09
C GLY A 281 2.68 29.28 -0.91
N GLU A 282 3.46 30.27 -0.51
CA GLU A 282 4.71 30.64 -1.18
C GLU A 282 5.83 29.58 -1.07
N ASP A 283 5.66 28.58 -0.21
CA ASP A 283 6.63 27.47 -0.19
C ASP A 283 6.17 26.28 -1.01
N ASP A 284 5.06 26.43 -1.73
CA ASP A 284 4.48 25.43 -2.64
C ASP A 284 3.64 24.34 -1.96
N LEU A 285 3.37 24.48 -0.68
CA LEU A 285 2.70 23.42 0.03
C LEU A 285 1.23 23.70 0.24
N VAL A 286 0.44 22.66 0.22
CA VAL A 286 -0.89 22.78 0.72
C VAL A 286 -0.80 22.31 2.15
N THR A 287 -1.49 22.98 3.07
CA THR A 287 -1.48 22.50 4.44
C THR A 287 -2.90 22.23 4.89
N VAL A 288 -3.06 21.10 5.57
CA VAL A 288 -4.31 20.73 6.18
C VAL A 288 -4.24 21.01 7.67
N TRP A 289 -5.31 21.58 8.21
CA TRP A 289 -5.29 22.08 9.56
C TRP A 289 -6.64 21.85 10.24
N SER A 290 -6.63 21.15 11.38
CA SER A 290 -7.87 20.79 12.06
C SER A 290 -8.46 21.96 12.81
N PHE A 291 -9.74 22.22 12.62
CA PHE A 291 -10.35 23.37 13.24
C PHE A 291 -10.58 23.17 14.72
N VAL A 292 -10.87 21.94 15.12
CA VAL A 292 -11.16 21.69 16.53
C VAL A 292 -9.88 21.47 17.31
N ASP A 293 -8.90 20.81 16.71
CA ASP A 293 -7.65 20.50 17.41
C ASP A 293 -6.64 21.64 17.27
N CYS A 294 -6.89 22.53 16.32
CA CYS A 294 -5.98 23.66 16.04
C CYS A 294 -4.58 23.17 15.68
N ARG A 295 -4.49 21.97 15.14
CA ARG A 295 -3.18 21.41 14.85
C ARG A 295 -3.07 21.18 13.36
N VAL A 296 -1.84 21.13 12.87
CA VAL A 296 -1.60 20.79 11.48
C VAL A 296 -1.79 19.29 11.32
N ILE A 297 -2.59 18.91 10.34
CA ILE A 297 -2.93 17.51 10.11
C ILE A 297 -2.07 16.84 9.04
N ALA A 298 -1.72 17.57 7.99
CA ALA A 298 -0.80 17.04 6.99
C ALA A 298 -0.31 18.14 6.07
N ARG A 299 0.60 17.78 5.18
CA ARG A 299 1.13 18.72 4.20
C ARG A 299 1.40 18.02 2.89
N GLY A 300 1.16 18.71 1.78
CA GLY A 300 1.32 18.11 0.46
C GLY A 300 2.29 18.80 -0.47
N HIS A 301 3.28 18.05 -0.94
CA HIS A 301 4.26 18.50 -1.92
C HIS A 301 3.77 18.12 -3.30
N GLY A 302 4.07 18.92 -4.32
CA GLY A 302 3.53 18.64 -5.63
C GLY A 302 3.61 19.81 -6.58
N HIS A 303 3.31 21.00 -6.08
CA HIS A 303 3.47 22.18 -6.91
C HIS A 303 4.92 22.57 -6.99
N LYS A 304 5.35 22.99 -8.17
CA LYS A 304 6.74 23.37 -8.43
C LYS A 304 6.88 24.87 -8.23
N SER A 305 5.83 25.48 -7.69
CA SER A 305 5.85 26.90 -7.36
C SER A 305 4.68 27.27 -6.47
N TRP A 306 4.48 28.56 -6.31
CA TRP A 306 3.42 29.11 -5.46
C TRP A 306 2.02 28.53 -5.70
N VAL A 307 1.38 28.10 -4.62
CA VAL A 307 0.02 27.61 -4.69
C VAL A 307 -0.93 28.78 -4.68
N SER A 308 -1.66 28.97 -5.75
CA SER A 308 -2.48 30.16 -5.84
C SER A 308 -3.96 29.97 -5.52
N VAL A 309 -4.51 28.77 -5.73
CA VAL A 309 -5.89 28.55 -5.30
C VAL A 309 -6.05 27.19 -4.64
N VAL A 310 -6.76 27.15 -3.52
CA VAL A 310 -7.12 25.88 -2.91
C VAL A 310 -8.63 25.76 -2.73
N ALA A 311 -9.19 24.60 -3.11
CA ALA A 311 -10.64 24.35 -2.93
C ALA A 311 -10.98 22.89 -2.56
N PHE A 312 -11.91 22.72 -1.62
CA PHE A 312 -12.57 21.43 -1.39
C PHE A 312 -13.61 21.12 -2.45
N ASP A 313 -13.68 19.85 -2.87
CA ASP A 313 -14.72 19.35 -3.79
C ASP A 313 -15.90 18.74 -3.04
N PRO A 314 -16.99 19.48 -2.93
CA PRO A 314 -18.15 19.00 -2.16
C PRO A 314 -18.87 17.85 -2.85
N TYR A 315 -18.44 17.45 -4.04
CA TYR A 315 -19.11 16.37 -4.74
C TYR A 315 -18.31 15.08 -4.78
N THR A 316 -17.11 15.09 -4.20
CA THR A 316 -16.41 13.82 -3.98
C THR A 316 -15.87 13.84 -2.54
N THR A 317 -16.81 13.80 -1.60
CA THR A 317 -16.54 13.77 -0.17
C THR A 317 -17.70 13.02 0.50
N SER A 318 -17.38 12.21 1.50
CA SER A 318 -18.38 11.38 2.16
C SER A 318 -19.09 12.06 3.34
N VAL A 319 -18.86 13.36 3.56
CA VAL A 319 -19.44 14.01 4.73
C VAL A 319 -20.71 14.76 4.37
N GLU A 320 -21.66 14.77 5.29
CA GLU A 320 -22.91 15.47 5.10
C GLU A 320 -22.82 16.91 5.62
N GLU A 321 -23.07 17.88 4.74
CA GLU A 321 -22.96 19.28 5.13
C GLU A 321 -24.19 19.70 5.93
N GLY A 322 -24.28 20.97 6.30
CA GLY A 322 -25.37 21.42 7.15
C GLY A 322 -26.29 22.48 6.58
N ASP A 323 -27.15 22.99 7.46
CA ASP A 323 -27.95 24.21 7.29
C ASP A 323 -27.90 24.94 5.94
N VAL A 365 -14.89 8.14 6.18
CA VAL A 365 -14.78 9.58 5.93
C VAL A 365 -13.63 9.88 4.98
N THR A 366 -13.94 10.67 3.97
CA THR A 366 -12.91 11.06 3.03
C THR A 366 -13.17 12.49 2.59
N TYR A 367 -12.14 13.14 2.08
CA TYR A 367 -12.31 14.47 1.51
C TYR A 367 -11.58 14.57 0.20
N ARG A 368 -12.12 15.36 -0.72
CA ARG A 368 -11.32 15.75 -1.86
C ARG A 368 -11.17 17.25 -1.91
N PHE A 369 -9.95 17.66 -2.17
CA PHE A 369 -9.72 19.04 -2.50
C PHE A 369 -8.69 19.10 -3.60
N GLY A 370 -8.50 20.30 -4.12
CA GLY A 370 -7.55 20.50 -5.18
C GLY A 370 -6.86 21.82 -4.98
N SER A 371 -5.95 22.09 -5.90
CA SER A 371 -5.13 23.27 -5.81
C SER A 371 -4.58 23.57 -7.18
N VAL A 372 -4.46 24.85 -7.52
CA VAL A 372 -3.74 25.21 -8.70
C VAL A 372 -2.68 26.24 -8.34
N GLY A 373 -1.60 26.29 -9.11
CA GLY A 373 -0.54 27.20 -8.80
C GLY A 373 0.04 28.00 -9.94
N GLN A 374 1.12 28.71 -9.64
CA GLN A 374 1.87 29.48 -10.62
C GLN A 374 2.75 28.57 -11.45
N ASP A 375 2.77 27.29 -11.12
CA ASP A 375 3.56 26.37 -11.89
C ASP A 375 2.75 25.86 -13.07
N THR A 376 1.51 26.34 -13.16
CA THR A 376 0.52 26.00 -14.20
C THR A 376 -0.02 24.57 -14.03
N GLN A 377 -0.05 24.07 -12.80
CA GLN A 377 -0.45 22.70 -12.56
C GLN A 377 -1.67 22.58 -11.68
N LEU A 378 -2.41 21.49 -11.88
CA LEU A 378 -3.53 21.16 -11.03
C LEU A 378 -3.20 19.93 -10.18
N CYS A 379 -3.56 19.98 -8.91
CA CYS A 379 -3.36 18.82 -8.05
C CYS A 379 -4.69 18.46 -7.41
N LEU A 380 -4.94 17.17 -7.24
CA LEU A 380 -6.05 16.73 -6.42
C LEU A 380 -5.52 15.91 -5.25
N TRP A 381 -6.25 15.94 -4.14
CA TRP A 381 -5.75 15.38 -2.89
C TRP A 381 -6.86 14.70 -2.13
N ASP A 382 -6.54 13.53 -1.63
CA ASP A 382 -7.43 12.79 -0.77
C ASP A 382 -6.90 12.86 0.63
N LEU A 383 -7.78 13.10 1.58
CA LEU A 383 -7.37 12.91 2.95
C LEU A 383 -8.42 12.01 3.60
N THR A 384 -7.94 10.88 4.13
CA THR A 384 -8.79 9.81 4.58
C THR A 384 -8.68 9.68 6.09
N GLU A 385 -9.28 8.64 6.66
CA GLU A 385 -9.17 8.41 8.11
C GLU A 385 -7.72 8.16 8.55
N ASP A 386 -7.01 7.32 7.80
CA ASP A 386 -5.63 7.00 8.10
C ASP A 386 -4.88 8.31 8.25
N ILE A 387 -5.09 9.20 7.29
CA ILE A 387 -4.48 10.52 7.32
C ILE A 387 -5.00 11.40 8.44
N LEU A 388 -6.31 11.38 8.65
CA LEU A 388 -6.94 12.27 9.62
C LEU A 388 -6.69 11.81 11.06
N PHE A 389 -6.94 10.53 11.31
CA PHE A 389 -6.84 9.97 12.66
C PHE A 389 -5.90 8.78 12.72
N PRO A 390 -4.59 9.03 12.86
CA PRO A 390 -3.67 7.92 13.08
C PRO A 390 -3.59 7.54 14.56
N VAL A 520 4.33 14.84 11.42
CA VAL A 520 3.18 15.14 10.58
C VAL A 520 3.33 14.58 9.14
N PRO A 521 2.34 13.79 8.71
CA PRO A 521 2.38 13.00 7.47
C PRO A 521 2.38 13.84 6.21
N LEU A 522 2.81 13.26 5.10
CA LEU A 522 2.83 13.96 3.84
C LEU A 522 1.85 13.38 2.86
N LEU A 523 0.95 14.23 2.38
CA LEU A 523 0.06 13.92 1.29
C LEU A 523 0.87 13.85 0.02
N GLU A 524 0.46 12.99 -0.90
CA GLU A 524 0.94 13.05 -2.26
C GLU A 524 -0.25 13.11 -3.20
N PRO A 525 -0.13 13.91 -4.26
CA PRO A 525 -1.30 14.21 -5.07
C PRO A 525 -1.80 12.99 -5.81
N LEU A 526 -3.12 12.82 -5.92
CA LEU A 526 -3.68 11.77 -6.78
C LEU A 526 -3.27 12.07 -8.17
N ILE A 527 -3.18 13.35 -8.46
CA ILE A 527 -2.91 13.80 -9.81
C ILE A 527 -2.12 15.08 -9.72
N CYS A 528 -1.24 15.26 -10.70
CA CYS A 528 -0.47 16.46 -10.79
C CYS A 528 -0.17 16.74 -12.23
N LYS A 529 -1.15 17.29 -12.93
CA LYS A 529 -1.02 17.57 -14.35
C LYS A 529 -0.76 19.07 -14.61
N LYS A 530 0.06 19.35 -15.61
CA LYS A 530 0.16 20.68 -16.18
C LYS A 530 -1.07 20.85 -17.06
N ILE A 531 -1.85 21.91 -16.85
CA ILE A 531 -3.08 22.12 -17.63
C ILE A 531 -3.21 23.50 -18.26
N ALA A 532 -2.17 24.32 -18.18
CA ALA A 532 -2.20 25.67 -18.70
C ALA A 532 -0.87 26.13 -19.28
N HIS A 533 -0.90 27.17 -20.10
CA HIS A 533 0.30 27.74 -20.66
C HIS A 533 0.84 28.78 -19.68
N GLU A 534 -0.07 29.31 -18.86
CA GLU A 534 0.28 30.38 -17.95
C GLU A 534 -0.34 30.19 -16.57
N ARG A 535 0.06 31.02 -15.60
CA ARG A 535 -0.31 30.80 -14.21
C ARG A 535 -1.82 30.63 -14.01
N LEU A 536 -2.17 29.59 -13.26
CA LEU A 536 -3.54 29.29 -12.95
C LEU A 536 -4.05 30.27 -11.88
N THR A 537 -5.32 30.67 -11.97
CA THR A 537 -5.88 31.66 -11.06
C THR A 537 -7.24 31.26 -10.49
N VAL A 538 -7.79 30.13 -10.95
CA VAL A 538 -9.16 29.77 -10.57
C VAL A 538 -9.31 28.27 -10.41
N LEU A 539 -9.87 27.84 -9.29
CA LEU A 539 -10.25 26.46 -9.13
C LEU A 539 -11.62 26.43 -8.50
N ILE A 540 -12.61 25.96 -9.25
CA ILE A 540 -13.97 25.85 -8.75
C ILE A 540 -14.64 24.50 -9.03
N PHE A 541 -15.16 23.87 -7.98
CA PHE A 541 -15.83 22.59 -8.12
C PHE A 541 -17.34 22.74 -8.23
N LEU A 542 -17.88 22.54 -9.42
CA LEU A 542 -19.34 22.55 -9.58
C LEU A 542 -19.84 21.12 -9.65
N GLU A 543 -21.15 20.96 -9.59
CA GLU A 543 -21.77 19.64 -9.67
C GLU A 543 -21.48 18.93 -10.98
N ASP A 544 -21.60 19.64 -12.09
CA ASP A 544 -21.40 18.97 -13.37
C ASP A 544 -19.97 18.91 -13.80
N CYS A 545 -19.13 19.74 -13.20
CA CYS A 545 -17.81 19.95 -13.73
C CYS A 545 -16.89 20.65 -12.77
N ILE A 546 -15.66 20.82 -13.23
CA ILE A 546 -14.64 21.59 -12.55
C ILE A 546 -14.30 22.79 -13.42
N VAL A 547 -14.10 23.96 -12.82
CA VAL A 547 -13.74 25.15 -13.61
C VAL A 547 -12.37 25.69 -13.21
N THR A 548 -11.51 25.88 -14.19
CA THR A 548 -10.22 26.49 -13.97
C THR A 548 -10.09 27.66 -14.90
N ALA A 549 -9.24 28.62 -14.54
CA ALA A 549 -8.92 29.71 -15.46
C ALA A 549 -7.41 29.96 -15.40
N CYS A 550 -6.86 30.58 -16.41
CA CYS A 550 -5.45 30.91 -16.39
C CYS A 550 -5.32 32.42 -16.64
N GLN A 551 -4.11 32.92 -16.57
CA GLN A 551 -3.87 34.34 -16.57
C GLN A 551 -4.08 34.88 -17.96
N GLU A 552 -4.21 33.96 -18.92
CA GLU A 552 -4.42 34.37 -20.31
C GLU A 552 -5.85 34.81 -20.58
N GLY A 553 -6.78 34.46 -19.70
CA GLY A 553 -8.14 34.94 -19.83
C GLY A 553 -9.12 33.88 -20.29
N PHE A 554 -8.67 32.64 -20.36
CA PHE A 554 -9.53 31.56 -20.76
C PHE A 554 -10.15 30.83 -19.57
N ILE A 555 -11.47 30.87 -19.49
CA ILE A 555 -12.17 30.10 -18.46
C ILE A 555 -12.54 28.75 -18.99
N CYS A 556 -12.06 27.71 -18.31
CA CYS A 556 -12.17 26.35 -18.82
C CYS A 556 -13.12 25.48 -18.01
N THR A 557 -13.80 24.57 -18.71
CA THR A 557 -14.68 23.64 -18.04
C THR A 557 -14.22 22.19 -18.23
N TRP A 558 -14.27 21.44 -17.14
CA TRP A 558 -13.78 20.07 -17.12
C TRP A 558 -14.91 19.14 -16.71
N GLY A 559 -15.41 18.38 -17.70
CA GLY A 559 -16.49 17.44 -17.44
C GLY A 559 -16.10 16.40 -16.41
N ARG A 560 -16.89 16.30 -15.35
CA ARG A 560 -16.74 15.21 -14.41
C ARG A 560 -17.07 13.89 -15.11
N PRO A 561 -16.54 12.77 -14.60
CA PRO A 561 -16.93 11.45 -15.10
C PRO A 561 -18.46 11.21 -15.09
N GLY A 562 -19.00 10.71 -16.19
CA GLY A 562 -20.42 10.47 -16.29
C GLY A 562 -21.29 11.70 -16.44
N LYS A 563 -20.69 12.87 -16.61
CA LYS A 563 -21.44 14.11 -16.87
C LYS A 563 -20.96 14.79 -18.16
N GLU B 12 6.51 9.90 -27.78
CA GLU B 12 5.18 9.48 -28.23
C GLU B 12 4.78 8.15 -27.58
N ILE B 13 5.79 7.39 -27.14
CA ILE B 13 5.59 6.14 -26.41
C ILE B 13 5.26 6.42 -24.95
N LYS B 14 4.20 5.81 -24.44
CA LYS B 14 3.80 6.08 -23.08
C LYS B 14 4.45 5.09 -22.11
N THR B 15 4.78 5.54 -20.90
CA THR B 15 5.42 4.65 -19.93
C THR B 15 4.53 4.36 -18.74
N GLN B 16 3.30 4.82 -18.80
CA GLN B 16 2.36 4.60 -17.71
C GLN B 16 0.97 4.95 -18.16
N PHE B 17 -0.02 4.50 -17.42
CA PHE B 17 -1.37 4.91 -17.73
C PHE B 17 -2.21 4.71 -16.49
N THR B 18 -3.41 5.24 -16.53
CA THR B 18 -4.23 5.32 -15.34
C THR B 18 -5.61 4.80 -15.62
N THR B 19 -6.13 4.02 -14.69
CA THR B 19 -7.53 3.63 -14.75
C THR B 19 -8.17 3.87 -13.42
N ARG B 20 -9.38 3.35 -13.28
CA ARG B 20 -10.11 3.45 -12.05
C ARG B 20 -9.31 2.94 -10.85
N GLU B 21 -8.59 1.84 -11.02
CA GLU B 21 -7.82 1.25 -9.92
C GLU B 21 -6.55 1.99 -9.62
N GLY B 22 -6.21 2.95 -10.46
CA GLY B 22 -5.08 3.79 -10.17
C GLY B 22 -4.06 3.73 -11.27
N LEU B 23 -2.84 4.08 -10.92
CA LEU B 23 -1.75 4.19 -11.88
C LEU B 23 -1.11 2.84 -12.15
N TYR B 24 -0.90 2.53 -13.43
CA TYR B 24 -0.06 1.39 -13.84
C TYR B 24 1.24 1.94 -14.36
N LYS B 25 2.36 1.28 -14.05
CA LYS B 25 3.65 1.86 -14.43
C LYS B 25 4.74 0.87 -14.83
N LEU B 26 5.39 1.24 -15.92
CA LEU B 26 6.48 0.46 -16.47
C LEU B 26 7.65 0.46 -15.50
N LEU B 27 8.08 -0.73 -15.09
CA LEU B 27 9.22 -0.89 -14.21
C LEU B 27 10.46 -1.24 -15.03
N PRO B 28 11.14 -0.25 -15.60
CA PRO B 28 12.27 -0.53 -16.49
C PRO B 28 13.46 -1.23 -15.83
N HIS B 29 13.47 -1.32 -14.50
CA HIS B 29 14.52 -2.09 -13.85
C HIS B 29 14.09 -3.55 -13.72
N SER B 30 12.84 -3.81 -14.09
CA SER B 30 12.32 -5.17 -14.18
C SER B 30 12.49 -5.76 -15.56
N GLU B 31 12.98 -4.98 -16.51
CA GLU B 31 13.00 -5.42 -17.91
C GLU B 31 13.86 -6.66 -18.17
N TYR B 32 13.34 -7.59 -18.95
CA TYR B 32 14.15 -8.71 -19.41
C TYR B 32 14.43 -8.59 -20.91
N SER B 33 15.57 -9.13 -21.32
CA SER B 33 15.99 -9.12 -22.72
C SER B 33 17.26 -9.92 -22.83
N ARG B 34 17.71 -10.15 -24.06
CA ARG B 34 19.02 -10.75 -24.24
C ARG B 34 20.07 -9.78 -23.65
N PRO B 35 21.14 -10.23 -23.15
CA PRO B 35 21.98 -9.35 -22.32
C PRO B 35 22.67 -8.25 -23.15
N ASN B 36 22.81 -8.49 -24.45
CA ASN B 36 23.20 -7.49 -25.43
C ASN B 36 22.57 -6.12 -25.23
N ARG B 37 21.40 -6.45 -24.72
CA ARG B 37 20.58 -5.25 -24.62
C ARG B 37 20.22 -4.59 -25.97
N VAL B 38 20.61 -5.05 -27.05
CA VAL B 38 20.35 -4.35 -28.30
C VAL B 38 19.06 -4.81 -28.98
N PRO B 39 18.33 -3.85 -29.56
CA PRO B 39 17.06 -4.16 -30.23
C PRO B 39 17.22 -5.23 -31.31
N PHE B 40 16.39 -6.26 -31.17
CA PHE B 40 16.31 -7.32 -32.16
C PHE B 40 15.70 -6.76 -33.41
N ASN B 41 16.29 -7.12 -34.54
CA ASN B 41 15.84 -6.63 -35.83
C ASN B 41 16.11 -7.65 -36.92
N SER B 42 15.07 -8.37 -37.29
CA SER B 42 15.11 -9.15 -38.50
C SER B 42 13.90 -8.69 -39.30
N GLN B 43 14.12 -8.39 -40.58
CA GLN B 43 13.06 -7.90 -41.44
C GLN B 43 11.78 -8.70 -41.29
N GLY B 44 11.84 -9.96 -41.71
CA GLY B 44 10.85 -10.94 -41.34
C GLY B 44 11.45 -11.83 -40.28
N SER B 45 10.72 -12.02 -39.19
CA SER B 45 11.17 -12.98 -38.20
C SER B 45 10.00 -13.42 -37.32
N ASN B 46 10.22 -14.53 -36.64
CA ASN B 46 9.22 -15.12 -35.79
C ASN B 46 8.94 -14.21 -34.60
N PRO B 47 7.68 -14.14 -34.19
CA PRO B 47 7.33 -13.22 -33.11
C PRO B 47 8.04 -13.60 -31.81
N VAL B 48 8.35 -12.61 -31.01
CA VAL B 48 8.90 -12.86 -29.71
C VAL B 48 7.80 -13.35 -28.78
N ARG B 49 7.98 -14.52 -28.21
CA ARG B 49 7.04 -15.11 -27.28
C ARG B 49 7.62 -15.23 -25.87
N VAL B 50 6.74 -15.30 -24.86
CA VAL B 50 7.10 -15.39 -23.46
C VAL B 50 6.34 -16.51 -22.75
N SER B 51 7.04 -17.41 -22.06
CA SER B 51 6.40 -18.39 -21.17
C SER B 51 6.78 -18.21 -19.69
N PHE B 52 5.83 -18.47 -18.80
CA PHE B 52 6.05 -18.38 -17.36
C PHE B 52 5.74 -19.70 -16.67
N VAL B 53 6.46 -19.98 -15.58
CA VAL B 53 6.13 -21.09 -14.69
C VAL B 53 6.64 -20.85 -13.26
N ASN B 54 5.87 -21.36 -12.29
CA ASN B 54 6.25 -21.38 -10.90
C ASN B 54 6.65 -22.80 -10.54
N LEU B 55 7.67 -22.94 -9.68
CA LEU B 55 8.18 -24.28 -9.39
C LEU B 55 7.68 -24.82 -8.06
N ASN B 56 6.45 -24.46 -7.71
CA ASN B 56 5.74 -24.98 -6.54
C ASN B 56 6.28 -24.47 -5.22
N ASP B 57 6.90 -23.29 -5.23
CA ASP B 57 7.14 -22.57 -3.96
C ASP B 57 6.85 -21.06 -4.07
N GLN B 58 7.51 -20.35 -4.98
CA GLN B 58 7.60 -18.89 -4.89
C GLN B 58 8.07 -18.55 -3.49
N SER B 59 9.15 -19.47 -3.13
CA SER B 59 9.83 -19.12 -1.89
C SER B 59 10.43 -17.73 -2.00
N GLY B 60 10.16 -17.34 -3.24
CA GLY B 60 10.02 -16.06 -3.67
C GLY B 60 10.40 -15.97 -5.05
N ASN B 61 11.59 -16.48 -5.17
CA ASN B 61 11.96 -16.58 -6.59
C ASN B 61 11.75 -17.93 -7.28
N GLY B 62 10.59 -18.56 -7.06
CA GLY B 62 10.23 -19.76 -7.80
C GLY B 62 9.61 -19.51 -9.18
N ASP B 63 9.61 -18.26 -9.65
CA ASP B 63 9.02 -17.98 -10.96
C ASP B 63 10.05 -17.98 -12.08
N ARG B 64 9.69 -18.63 -13.19
CA ARG B 64 10.61 -18.70 -14.31
C ARG B 64 10.06 -18.10 -15.61
N LEU B 65 10.96 -17.45 -16.33
CA LEU B 65 10.67 -16.82 -17.60
C LEU B 65 11.40 -17.52 -18.74
N CYS B 66 10.68 -17.86 -19.79
CA CYS B 66 11.33 -18.28 -21.02
C CYS B 66 10.90 -17.34 -22.13
N PHE B 67 11.85 -16.91 -22.97
CA PHE B 67 11.49 -16.18 -24.18
C PHE B 67 12.46 -16.43 -25.31
N ASN B 68 11.94 -16.36 -26.54
CA ASN B 68 12.77 -16.58 -27.73
C ASN B 68 12.95 -15.28 -28.51
N VAL B 69 14.16 -15.05 -29.00
CA VAL B 69 14.47 -13.85 -29.77
C VAL B 69 14.39 -13.95 -31.29
N GLY B 70 15.40 -14.59 -32.07
CA GLY B 70 15.41 -15.06 -33.30
C GLY B 70 15.96 -16.55 -33.34
N ARG B 71 17.24 -16.57 -32.89
CA ARG B 71 17.93 -17.85 -32.97
C ARG B 71 18.30 -18.21 -31.54
N GLU B 72 17.93 -17.36 -30.60
CA GLU B 72 18.22 -17.58 -29.20
C GLU B 72 16.96 -17.76 -28.33
N LEU B 73 16.99 -18.80 -27.51
CA LEU B 73 15.97 -19.05 -26.49
C LEU B 73 16.63 -18.87 -25.12
N TYR B 74 16.04 -18.06 -24.24
CA TYR B 74 16.60 -17.79 -22.92
C TYR B 74 15.67 -18.23 -21.81
N PHE B 75 16.25 -18.47 -20.64
CA PHE B 75 15.53 -18.97 -19.47
C PHE B 75 16.11 -18.31 -18.19
N TYR B 76 15.26 -17.60 -17.44
CA TYR B 76 15.67 -16.85 -16.27
C TYR B 76 14.74 -17.05 -15.10
N ILE B 77 15.19 -16.59 -13.94
CA ILE B 77 14.30 -16.30 -12.83
C ILE B 77 13.59 -15.03 -13.19
N TYR B 78 12.29 -15.00 -12.93
CA TYR B 78 11.53 -13.78 -13.15
C TYR B 78 11.26 -13.10 -11.82
N LYS B 79 11.79 -11.90 -11.66
CA LYS B 79 11.68 -11.20 -10.37
C LYS B 79 10.45 -10.30 -10.26
N GLY B 80 9.54 -10.39 -11.23
CA GLY B 80 8.32 -9.62 -11.18
C GLY B 80 8.57 -8.13 -11.10
N VAL B 81 7.94 -7.46 -10.13
CA VAL B 81 8.12 -6.02 -9.97
C VAL B 81 9.43 -5.66 -9.26
N ARG B 82 10.15 -6.66 -8.77
CA ARG B 82 11.50 -6.40 -8.25
C ARG B 82 12.50 -6.32 -9.40
N LYS B 83 13.75 -6.05 -9.08
CA LYS B 83 14.76 -5.83 -10.11
C LYS B 83 15.02 -7.12 -10.87
N ALA B 84 14.98 -7.04 -12.20
CA ALA B 84 15.25 -8.20 -13.04
C ALA B 84 16.55 -8.91 -12.63
N ALA B 85 16.46 -10.24 -12.59
CA ALA B 85 17.60 -11.12 -12.55
C ALA B 85 18.68 -10.65 -13.51
N ASP B 86 19.93 -10.91 -13.15
CA ASP B 86 21.08 -10.53 -13.95
C ASP B 86 21.01 -11.16 -15.35
N LEU B 87 20.88 -10.35 -16.39
CA LEU B 87 20.66 -10.90 -17.75
C LEU B 87 21.93 -11.56 -18.28
N SER B 88 23.04 -11.23 -17.62
CA SER B 88 24.35 -11.81 -17.90
C SER B 88 24.43 -13.32 -17.58
N LYS B 89 23.64 -13.75 -16.60
CA LYS B 89 23.70 -15.12 -16.11
C LYS B 89 22.33 -15.83 -16.15
N PRO B 90 21.96 -16.37 -17.32
CA PRO B 90 20.67 -17.05 -17.46
C PRO B 90 20.79 -18.50 -17.04
N ILE B 91 19.74 -19.07 -16.46
CA ILE B 91 19.81 -20.47 -16.06
C ILE B 91 20.08 -21.36 -17.25
N ASP B 92 19.38 -21.10 -18.36
CA ASP B 92 19.67 -21.78 -19.64
C ASP B 92 19.52 -20.85 -20.86
N LYS B 93 20.28 -21.14 -21.90
CA LYS B 93 20.26 -20.43 -23.16
C LYS B 93 20.45 -21.45 -24.28
N ARG B 94 19.65 -21.37 -25.35
CA ARG B 94 19.82 -22.25 -26.51
C ARG B 94 20.06 -21.40 -27.73
N ILE B 95 20.83 -21.94 -28.67
CA ILE B 95 21.07 -21.27 -29.94
C ILE B 95 20.67 -22.18 -31.09
N TYR B 96 19.68 -21.77 -31.88
CA TYR B 96 19.26 -22.60 -33.02
C TYR B 96 19.72 -22.04 -34.33
N LYS B 97 20.50 -22.81 -35.06
CA LYS B 97 21.21 -22.26 -36.19
C LYS B 97 20.49 -22.49 -37.52
N GLY B 98 19.58 -23.48 -37.53
CA GLY B 98 18.69 -23.67 -38.67
C GLY B 98 17.32 -23.10 -38.35
N THR B 99 16.28 -23.93 -38.40
CA THR B 99 14.94 -23.48 -38.04
C THR B 99 14.93 -22.83 -36.66
N GLN B 100 14.14 -21.78 -36.50
CA GLN B 100 14.12 -20.98 -35.29
C GLN B 100 12.81 -21.15 -34.52
N PRO B 101 12.85 -20.98 -33.18
CA PRO B 101 11.65 -21.10 -32.36
C PRO B 101 10.52 -20.17 -32.79
N THR B 102 9.28 -20.59 -32.59
CA THR B 102 8.13 -19.75 -32.89
C THR B 102 7.27 -19.59 -31.64
N CYS B 103 7.31 -20.57 -30.76
CA CYS B 103 6.49 -20.54 -29.56
C CYS B 103 6.98 -21.60 -28.61
N HIS B 104 6.43 -21.60 -27.39
CA HIS B 104 6.87 -22.51 -26.35
C HIS B 104 5.85 -22.57 -25.22
N ASP B 105 5.87 -23.66 -24.46
CA ASP B 105 4.96 -23.86 -23.33
C ASP B 105 5.61 -24.73 -22.22
N PHE B 106 5.49 -24.28 -20.97
CA PHE B 106 5.85 -25.09 -19.79
C PHE B 106 4.70 -25.99 -19.34
N ASN B 107 5.04 -27.14 -18.79
CA ASN B 107 4.05 -27.99 -18.12
C ASN B 107 3.94 -27.66 -16.63
N HIS B 108 2.80 -27.11 -16.24
CA HIS B 108 2.60 -26.62 -14.90
C HIS B 108 2.28 -27.72 -13.90
N LEU B 109 1.95 -28.89 -14.43
CA LEU B 109 1.61 -30.00 -13.59
C LEU B 109 2.84 -30.72 -13.05
N THR B 110 3.93 -30.71 -13.81
CA THR B 110 5.07 -31.52 -13.45
C THR B 110 6.28 -30.65 -13.13
N ALA B 111 6.04 -29.35 -13.04
CA ALA B 111 7.12 -28.42 -12.75
C ALA B 111 7.56 -28.56 -11.28
N THR B 112 8.87 -28.69 -11.06
CA THR B 112 9.41 -28.71 -9.71
C THR B 112 10.72 -27.94 -9.66
N ALA B 113 11.22 -27.76 -8.44
CA ALA B 113 12.52 -27.13 -8.21
C ALA B 113 13.63 -27.79 -9.01
N GLU B 114 13.58 -29.11 -9.14
CA GLU B 114 14.69 -29.85 -9.75
C GLU B 114 14.52 -30.00 -11.27
N SER B 115 13.30 -29.80 -11.76
CA SER B 115 13.03 -30.01 -13.18
C SER B 115 11.73 -29.38 -13.74
N VAL B 116 11.76 -28.98 -15.01
CA VAL B 116 10.55 -28.55 -15.76
C VAL B 116 10.56 -28.93 -17.23
N SER B 117 9.43 -29.36 -17.74
CA SER B 117 9.36 -29.64 -19.16
C SER B 117 8.99 -28.41 -19.97
N LEU B 118 9.84 -28.05 -20.91
CA LEU B 118 9.54 -26.96 -21.82
C LEU B 118 9.42 -27.46 -23.26
N LEU B 119 8.21 -27.30 -23.83
CA LEU B 119 7.97 -27.56 -25.25
C LEU B 119 8.34 -26.37 -26.05
N VAL B 120 8.99 -26.58 -27.18
CA VAL B 120 9.32 -25.49 -28.09
C VAL B 120 8.96 -25.83 -29.53
N GLY B 121 8.28 -24.93 -30.22
CA GLY B 121 7.88 -25.19 -31.59
C GLY B 121 8.71 -24.41 -32.60
N PHE B 122 8.90 -24.97 -33.79
CA PHE B 122 9.78 -24.33 -34.74
C PHE B 122 9.15 -23.98 -36.10
N SER B 123 9.86 -23.17 -36.88
CA SER B 123 9.41 -22.68 -38.17
C SER B 123 9.32 -23.73 -39.25
N ALA B 124 10.01 -24.84 -39.03
CA ALA B 124 10.01 -25.90 -40.02
C ALA B 124 9.12 -27.03 -39.54
N GLY B 125 8.38 -26.76 -38.48
CA GLY B 125 7.37 -27.70 -38.07
C GLY B 125 7.74 -28.70 -37.01
N GLN B 126 8.97 -28.61 -36.45
CA GLN B 126 9.44 -29.51 -35.39
C GLN B 126 9.04 -29.04 -33.99
N VAL B 127 9.07 -29.95 -33.03
CA VAL B 127 8.82 -29.58 -31.65
C VAL B 127 9.85 -30.24 -30.73
N GLN B 128 10.50 -29.41 -29.92
CA GLN B 128 11.50 -29.92 -29.04
C GLN B 128 11.06 -29.81 -27.61
N LEU B 129 11.29 -30.89 -26.87
CA LEU B 129 11.06 -30.91 -25.44
C LEU B 129 12.39 -30.78 -24.74
N ILE B 130 12.44 -29.89 -23.76
CA ILE B 130 13.66 -29.45 -23.14
C ILE B 130 13.49 -29.28 -21.66
N ASP B 131 14.40 -29.84 -20.88
CA ASP B 131 14.42 -29.59 -19.45
C ASP B 131 15.49 -28.56 -19.17
N PRO B 132 15.12 -27.29 -19.06
CA PRO B 132 16.12 -26.23 -18.89
C PRO B 132 16.74 -26.17 -17.48
N ILE B 133 16.29 -26.99 -16.56
CA ILE B 133 16.85 -26.99 -15.22
C ILE B 133 17.84 -28.15 -15.07
N LYS B 134 17.33 -29.37 -15.18
CA LYS B 134 18.14 -30.56 -15.06
C LYS B 134 19.07 -30.72 -16.24
N LYS B 135 18.64 -30.26 -17.41
CA LYS B 135 19.46 -30.27 -18.61
C LYS B 135 19.87 -31.67 -19.07
N GLU B 136 19.06 -32.67 -18.76
CA GLU B 136 19.40 -34.02 -19.15
C GLU B 136 18.29 -34.61 -19.98
N THR B 137 17.57 -33.73 -20.67
CA THR B 137 16.45 -34.09 -21.53
C THR B 137 16.29 -33.17 -22.72
N SER B 138 16.48 -33.71 -23.91
CA SER B 138 16.21 -32.96 -25.12
C SER B 138 15.65 -33.93 -26.16
N LYS B 139 14.35 -33.90 -26.41
CA LYS B 139 13.74 -34.81 -27.39
C LYS B 139 13.08 -34.03 -28.51
N LEU B 140 13.16 -34.59 -29.71
CA LEU B 140 12.56 -33.97 -30.87
C LEU B 140 11.30 -34.65 -31.36
N PHE B 141 10.37 -33.87 -31.87
CA PHE B 141 9.20 -34.46 -32.51
C PHE B 141 9.05 -33.91 -33.91
N ASN B 142 8.66 -34.78 -34.83
CA ASN B 142 8.55 -34.42 -36.23
C ASN B 142 9.89 -33.96 -36.78
N GLU B 143 10.96 -34.52 -36.24
CA GLU B 143 12.31 -34.11 -36.65
C GLU B 143 12.49 -34.15 -38.15
N GLU B 144 12.00 -35.22 -38.78
CA GLU B 144 12.25 -35.42 -40.19
C GLU B 144 11.17 -34.74 -41.02
N ARG B 145 10.24 -34.09 -40.34
CA ARG B 145 9.19 -33.27 -40.98
C ARG B 145 8.22 -34.05 -41.87
N LEU B 146 7.99 -35.33 -41.55
CA LEU B 146 7.05 -36.14 -42.32
C LEU B 146 5.60 -36.02 -41.84
N ILE B 147 5.40 -35.48 -40.64
CA ILE B 147 4.06 -35.26 -40.12
C ILE B 147 3.48 -33.92 -40.57
N ASP B 148 4.32 -32.91 -40.69
CA ASP B 148 3.93 -31.57 -41.20
C ASP B 148 5.19 -30.75 -41.45
N LYS B 149 5.18 -29.99 -42.53
CA LYS B 149 6.37 -29.32 -43.03
C LYS B 149 6.25 -27.81 -42.78
N SER B 150 5.07 -27.39 -42.31
CA SER B 150 4.83 -25.98 -42.05
C SER B 150 5.10 -25.56 -40.60
N ARG B 151 5.33 -24.27 -40.45
CA ARG B 151 5.64 -23.67 -39.18
C ARG B 151 4.64 -24.04 -38.07
N VAL B 152 5.15 -24.13 -36.85
CA VAL B 152 4.32 -24.27 -35.68
C VAL B 152 3.83 -22.87 -35.31
N THR B 153 2.56 -22.79 -34.90
CA THR B 153 1.91 -21.53 -34.60
C THR B 153 1.54 -21.45 -33.15
N CYS B 154 1.44 -22.62 -32.50
CA CYS B 154 0.96 -22.68 -31.13
C CYS B 154 1.22 -24.06 -30.56
N VAL B 155 1.73 -24.14 -29.34
CA VAL B 155 1.90 -25.43 -28.67
C VAL B 155 1.46 -25.30 -27.24
N LYS B 156 0.68 -26.26 -26.78
CA LYS B 156 0.25 -26.25 -25.41
C LYS B 156 0.17 -27.66 -24.89
N TRP B 157 0.72 -27.85 -23.71
CA TRP B 157 0.45 -29.05 -22.95
C TRP B 157 -1.05 -29.15 -22.78
N VAL B 158 -1.63 -30.31 -23.07
CA VAL B 158 -3.02 -30.55 -22.71
C VAL B 158 -3.18 -30.33 -21.22
N PRO B 159 -4.20 -29.55 -20.83
CA PRO B 159 -4.49 -29.31 -19.41
C PRO B 159 -4.67 -30.63 -18.64
N GLY B 160 -4.22 -30.66 -17.40
CA GLY B 160 -4.33 -31.87 -16.59
C GLY B 160 -3.42 -33.01 -16.99
N SER B 161 -2.73 -32.88 -18.11
CA SER B 161 -1.94 -33.97 -18.65
C SER B 161 -0.49 -33.87 -18.21
N GLU B 162 0.18 -35.00 -18.14
CA GLU B 162 1.59 -35.03 -17.84
C GLU B 162 2.38 -35.28 -19.11
N SER B 163 1.73 -35.82 -20.15
CA SER B 163 2.45 -36.37 -21.30
C SER B 163 2.00 -35.88 -22.66
N LEU B 164 0.78 -35.36 -22.71
CA LEU B 164 0.15 -34.99 -23.96
C LEU B 164 0.25 -33.52 -24.24
N PHE B 165 0.65 -33.17 -25.46
CA PHE B 165 0.55 -31.78 -25.87
C PHE B 165 -0.05 -31.66 -27.25
N LEU B 166 -0.43 -30.43 -27.58
CA LEU B 166 -1.16 -30.12 -28.81
C LEU B 166 -0.41 -29.07 -29.61
N VAL B 167 -0.13 -29.33 -30.87
CA VAL B 167 0.55 -28.36 -31.72
C VAL B 167 -0.19 -28.04 -33.04
N ALA B 168 -0.39 -26.76 -33.33
CA ALA B 168 -1.04 -26.31 -34.55
C ALA B 168 -0.03 -25.76 -35.55
N HIS B 169 -0.28 -25.99 -36.84
CA HIS B 169 0.59 -25.55 -37.92
C HIS B 169 -0.13 -24.60 -38.84
N SER B 170 0.63 -23.83 -39.62
CA SER B 170 0.01 -22.87 -40.50
C SER B 170 -0.61 -23.59 -41.69
N SER B 171 -0.41 -24.90 -41.75
CA SER B 171 -1.04 -25.70 -42.78
C SER B 171 -2.52 -25.92 -42.46
N GLY B 172 -2.98 -25.45 -41.31
CA GLY B 172 -4.36 -25.68 -40.91
C GLY B 172 -4.61 -26.95 -40.11
N ASN B 173 -3.55 -27.56 -39.60
CA ASN B 173 -3.71 -28.80 -38.84
C ASN B 173 -3.26 -28.70 -37.40
N MET B 174 -3.88 -29.50 -36.55
CA MET B 174 -3.36 -29.73 -35.22
C MET B 174 -2.96 -31.19 -35.08
N TYR B 175 -2.01 -31.43 -34.17
CA TYR B 175 -1.57 -32.79 -33.88
C TYR B 175 -1.51 -33.02 -32.40
N LEU B 176 -1.96 -34.19 -31.98
CA LEU B 176 -1.80 -34.57 -30.60
C LEU B 176 -0.58 -35.47 -30.45
N TYR B 177 0.28 -35.13 -29.49
CA TYR B 177 1.47 -35.91 -29.24
C TYR B 177 1.57 -36.41 -27.81
N ASN B 178 2.22 -37.56 -27.66
CA ASN B 178 2.60 -38.07 -26.34
C ASN B 178 4.12 -38.07 -26.19
N VAL B 179 4.60 -37.30 -25.21
CA VAL B 179 6.03 -37.14 -24.98
C VAL B 179 6.75 -38.47 -24.80
N GLU B 180 6.04 -39.43 -24.21
CA GLU B 180 6.65 -40.72 -23.94
C GLU B 180 6.84 -41.57 -25.21
N HIS B 181 6.09 -41.30 -26.27
CA HIS B 181 6.24 -42.10 -27.48
C HIS B 181 7.29 -41.54 -28.41
N THR B 182 7.75 -42.39 -29.31
CA THR B 182 8.66 -42.00 -30.37
C THR B 182 7.89 -41.69 -31.65
N CYS B 183 8.61 -41.42 -32.75
CA CYS B 183 7.97 -41.15 -34.03
C CYS B 183 8.98 -41.15 -35.14
N GLY B 184 8.51 -41.21 -36.40
CA GLY B 184 9.36 -40.81 -37.50
C GLY B 184 9.56 -41.75 -38.66
N THR B 185 9.59 -43.05 -38.37
CA THR B 185 9.93 -44.09 -39.35
C THR B 185 9.39 -43.83 -40.77
N THR B 186 8.09 -43.58 -40.88
CA THR B 186 7.51 -43.19 -42.15
C THR B 186 6.49 -42.11 -41.91
N ALA B 187 6.01 -41.49 -42.99
CA ALA B 187 4.83 -40.63 -42.91
C ALA B 187 3.67 -41.50 -42.42
N PRO B 188 2.86 -40.96 -41.50
CA PRO B 188 1.89 -41.82 -40.82
C PRO B 188 0.71 -42.19 -41.71
N HIS B 189 0.05 -43.30 -41.41
CA HIS B 189 -1.11 -43.71 -42.19
C HIS B 189 -2.35 -43.37 -41.40
N TYR B 190 -3.08 -42.35 -41.85
CA TYR B 190 -4.27 -41.87 -41.14
C TYR B 190 -5.54 -42.67 -41.50
N GLN B 191 -6.36 -42.94 -40.49
CA GLN B 191 -7.72 -43.41 -40.71
C GLN B 191 -8.71 -42.41 -40.12
N LEU B 192 -9.76 -42.09 -40.87
CA LEU B 192 -10.76 -41.09 -40.45
C LEU B 192 -11.44 -41.50 -39.15
N LEU B 193 -11.98 -40.52 -38.43
CA LEU B 193 -12.58 -40.77 -37.12
C LEU B 193 -13.78 -39.89 -36.87
N LYS B 194 -13.78 -38.71 -37.51
CA LYS B 194 -14.91 -37.80 -37.48
C LYS B 194 -14.75 -36.75 -38.55
N GLN B 195 -15.74 -36.65 -39.43
CA GLN B 195 -15.82 -35.57 -40.37
C GLN B 195 -16.86 -34.62 -39.83
N GLY B 196 -16.70 -33.33 -40.07
CA GLY B 196 -17.65 -32.36 -39.56
C GLY B 196 -17.74 -31.21 -40.53
N GLU B 197 -18.44 -30.17 -40.12
CA GLU B 197 -18.54 -29.00 -40.93
C GLU B 197 -17.25 -28.21 -40.82
N SER B 198 -16.45 -28.27 -41.87
CA SER B 198 -15.15 -27.58 -41.98
C SER B 198 -14.07 -28.15 -41.09
N PHE B 199 -14.13 -29.43 -40.77
CA PHE B 199 -13.08 -30.02 -39.97
C PHE B 199 -13.17 -31.52 -39.96
N ALA B 200 -12.04 -32.17 -39.79
CA ALA B 200 -11.98 -33.61 -39.62
C ALA B 200 -11.01 -33.98 -38.49
N VAL B 201 -11.04 -35.25 -38.11
CA VAL B 201 -10.05 -35.80 -37.19
C VAL B 201 -9.65 -37.17 -37.69
N HIS B 202 -8.36 -37.51 -37.57
CA HIS B 202 -7.87 -38.79 -38.04
C HIS B 202 -7.01 -39.46 -36.99
N THR B 203 -6.74 -40.74 -37.19
CA THR B 203 -5.82 -41.48 -36.35
C THR B 203 -4.88 -42.21 -37.25
N CYS B 204 -3.71 -42.59 -36.76
CA CYS B 204 -2.85 -43.39 -37.60
C CYS B 204 -2.63 -44.79 -37.02
N LYS B 205 -2.14 -45.69 -37.88
CA LYS B 205 -1.99 -47.08 -37.51
C LYS B 205 -0.70 -47.66 -38.09
N THR B 209 1.44 -46.79 -30.41
CA THR B 209 2.68 -46.71 -29.65
C THR B 209 3.68 -45.77 -30.34
N ARG B 210 3.23 -45.13 -31.42
CA ARG B 210 4.03 -44.14 -32.16
C ARG B 210 3.36 -42.76 -32.13
N ASN B 211 4.03 -41.74 -32.64
CA ASN B 211 3.69 -40.50 -32.04
C ASN B 211 2.52 -39.71 -32.42
N PRO B 212 2.37 -39.39 -33.77
CA PRO B 212 1.17 -38.58 -34.02
C PRO B 212 -0.06 -39.39 -33.57
N LEU B 213 -0.70 -39.02 -32.49
CA LEU B 213 -1.90 -39.71 -32.08
C LEU B 213 -3.10 -39.33 -32.96
N LEU B 214 -3.48 -38.04 -32.93
CA LEU B 214 -4.56 -37.48 -33.76
C LEU B 214 -4.02 -36.40 -34.70
N LYS B 215 -4.61 -36.32 -35.90
CA LYS B 215 -4.46 -35.19 -36.81
C LYS B 215 -5.83 -34.56 -36.94
N TRP B 216 -5.84 -33.24 -36.79
CA TRP B 216 -7.05 -32.47 -36.63
C TRP B 216 -7.04 -31.38 -37.68
N THR B 217 -7.77 -31.57 -38.77
CA THR B 217 -7.80 -30.54 -39.80
C THR B 217 -8.90 -29.55 -39.46
N VAL B 218 -8.58 -28.26 -39.52
CA VAL B 218 -9.60 -27.27 -39.18
C VAL B 218 -9.69 -26.15 -40.21
N GLY B 219 -10.89 -25.99 -40.75
CA GLY B 219 -11.16 -24.99 -41.77
C GLY B 219 -10.18 -25.02 -42.92
N GLU B 220 -9.84 -23.84 -43.39
CA GLU B 220 -8.82 -23.68 -44.42
C GLU B 220 -7.87 -22.56 -44.02
N GLY B 221 -6.60 -22.71 -44.37
CA GLY B 221 -5.63 -21.69 -44.05
C GLY B 221 -5.07 -21.90 -42.65
N ALA B 222 -4.11 -21.06 -42.30
CA ALA B 222 -3.32 -21.23 -41.08
C ALA B 222 -4.16 -21.31 -39.83
N LEU B 223 -3.77 -22.23 -38.94
CA LEU B 223 -4.32 -22.23 -37.62
C LEU B 223 -3.50 -21.25 -36.81
N ASN B 224 -4.06 -20.08 -36.53
CA ASN B 224 -3.28 -19.07 -35.87
C ASN B 224 -3.08 -19.34 -34.38
N GLU B 225 -4.15 -19.65 -33.66
CA GLU B 225 -4.04 -19.95 -32.24
C GLU B 225 -5.18 -20.87 -31.76
N PHE B 226 -4.89 -21.61 -30.69
CA PHE B 226 -5.94 -22.32 -30.00
C PHE B 226 -5.76 -22.05 -28.51
N ALA B 227 -6.81 -22.29 -27.74
CA ALA B 227 -6.74 -22.08 -26.30
C ALA B 227 -7.75 -23.01 -25.61
N PHE B 228 -7.27 -23.84 -24.69
CA PHE B 228 -8.17 -24.65 -23.92
C PHE B 228 -8.92 -23.76 -22.98
N SER B 229 -10.14 -24.18 -22.65
CA SER B 229 -10.95 -23.48 -21.67
C SER B 229 -10.33 -23.77 -20.29
N PRO B 230 -10.53 -22.85 -19.32
CA PRO B 230 -9.94 -23.00 -17.99
C PRO B 230 -10.19 -24.38 -17.41
N ASP B 231 -11.36 -24.96 -17.68
CA ASP B 231 -11.61 -26.31 -17.20
C ASP B 231 -11.06 -27.34 -18.17
N GLY B 232 -10.50 -26.89 -19.29
CA GLY B 232 -9.84 -27.78 -20.24
C GLY B 232 -10.72 -28.75 -21.03
N LYS B 233 -12.03 -28.61 -20.92
CA LYS B 233 -12.92 -29.51 -21.62
C LYS B 233 -13.22 -29.03 -23.05
N PHE B 234 -12.94 -27.76 -23.34
CA PHE B 234 -13.14 -27.26 -24.72
C PHE B 234 -11.90 -26.60 -25.33
N LEU B 235 -11.90 -26.57 -26.66
CA LEU B 235 -10.81 -26.05 -27.46
C LEU B 235 -11.32 -24.95 -28.38
N ALA B 236 -10.69 -23.79 -28.34
CA ALA B 236 -11.11 -22.68 -29.19
C ALA B 236 -10.03 -22.40 -30.24
N CYS B 237 -10.41 -22.49 -31.51
CA CYS B 237 -9.46 -22.31 -32.62
C CYS B 237 -9.78 -21.04 -33.41
N VAL B 238 -8.76 -20.40 -33.96
CA VAL B 238 -8.99 -19.31 -34.89
C VAL B 238 -8.11 -19.45 -36.13
N SER B 239 -8.75 -19.29 -37.29
CA SER B 239 -8.07 -19.55 -38.55
C SER B 239 -8.00 -18.36 -39.49
N GLN B 240 -7.15 -18.54 -40.49
CA GLN B 240 -6.94 -17.56 -41.52
C GLN B 240 -8.22 -17.29 -42.29
N ASP B 241 -9.10 -18.29 -42.34
CA ASP B 241 -10.39 -18.21 -43.01
C ASP B 241 -11.41 -17.34 -42.28
N GLY B 242 -11.03 -16.80 -41.12
CA GLY B 242 -11.90 -15.86 -40.41
C GLY B 242 -12.80 -16.53 -39.39
N PHE B 243 -12.55 -17.80 -39.09
CA PHE B 243 -13.41 -18.52 -38.17
C PHE B 243 -12.86 -18.77 -36.77
N LEU B 244 -13.70 -18.48 -35.79
CA LEU B 244 -13.59 -19.03 -34.45
C LEU B 244 -14.33 -20.35 -34.47
N ARG B 245 -13.67 -21.42 -34.05
CA ARG B 245 -14.36 -22.69 -33.88
C ARG B 245 -14.06 -23.18 -32.51
N VAL B 246 -15.11 -23.46 -31.76
CA VAL B 246 -14.96 -23.98 -30.40
C VAL B 246 -15.38 -25.44 -30.36
N PHE B 247 -14.43 -26.31 -30.04
CA PHE B 247 -14.71 -27.74 -30.00
C PHE B 247 -14.84 -28.28 -28.60
N ASN B 248 -15.49 -29.43 -28.51
CA ASN B 248 -15.49 -30.20 -27.29
C ASN B 248 -14.35 -31.19 -27.43
N PHE B 249 -13.31 -31.00 -26.64
CA PHE B 249 -12.03 -31.63 -26.94
C PHE B 249 -12.04 -33.13 -26.75
N ASP B 250 -12.58 -33.57 -25.63
CA ASP B 250 -12.61 -34.99 -25.33
C ASP B 250 -13.59 -35.65 -26.30
N SER B 251 -14.75 -35.04 -26.42
CA SER B 251 -15.82 -35.54 -27.28
C SER B 251 -15.55 -35.40 -28.79
N VAL B 252 -14.70 -34.43 -29.17
CA VAL B 252 -14.38 -34.16 -30.58
C VAL B 252 -15.63 -33.73 -31.34
N GLU B 253 -16.23 -32.64 -30.88
CA GLU B 253 -17.50 -32.21 -31.46
C GLU B 253 -17.68 -30.71 -31.40
N LEU B 254 -18.13 -30.14 -32.52
CA LEU B 254 -18.25 -28.70 -32.66
C LEU B 254 -19.34 -28.11 -31.77
N HIS B 255 -18.99 -27.09 -30.99
CA HIS B 255 -19.95 -26.48 -30.08
C HIS B 255 -20.56 -25.23 -30.69
N GLY B 256 -19.77 -24.52 -31.48
CA GLY B 256 -20.23 -23.29 -32.09
C GLY B 256 -19.14 -22.66 -32.91
N THR B 257 -19.52 -21.73 -33.78
CA THR B 257 -18.56 -21.04 -34.61
C THR B 257 -18.93 -19.59 -34.75
N MET B 258 -18.00 -18.82 -35.31
CA MET B 258 -18.17 -17.38 -35.52
C MET B 258 -17.26 -16.95 -36.66
N LYS B 259 -17.72 -16.02 -37.49
CA LYS B 259 -16.86 -15.54 -38.57
C LYS B 259 -16.69 -14.02 -38.47
N SER B 260 -15.48 -13.49 -38.68
CA SER B 260 -15.38 -12.03 -38.65
C SER B 260 -15.81 -11.51 -40.01
N TYR B 261 -16.11 -10.21 -40.12
CA TYR B 261 -16.63 -9.70 -41.39
C TYR B 261 -15.53 -9.57 -42.44
N PHE B 262 -14.31 -9.44 -41.96
CA PHE B 262 -13.17 -9.28 -42.85
C PHE B 262 -11.88 -9.89 -42.27
N GLY B 263 -11.22 -10.73 -43.06
CA GLY B 263 -9.92 -11.25 -42.73
C GLY B 263 -9.95 -12.34 -41.68
N GLY B 264 -8.78 -12.84 -41.32
CA GLY B 264 -8.70 -13.97 -40.42
C GLY B 264 -8.67 -13.56 -38.97
N LEU B 265 -8.95 -14.50 -38.10
CA LEU B 265 -8.81 -14.27 -36.66
C LEU B 265 -7.40 -14.69 -36.20
N LEU B 266 -6.69 -13.79 -35.54
CA LEU B 266 -5.30 -14.08 -35.23
C LEU B 266 -5.07 -14.67 -33.84
N CYS B 267 -5.99 -14.42 -32.90
CA CYS B 267 -5.75 -14.78 -31.49
C CYS B 267 -7.04 -14.98 -30.69
N VAL B 268 -6.98 -15.84 -29.67
CA VAL B 268 -8.10 -16.11 -28.75
C VAL B 268 -7.73 -16.22 -27.30
N CYS B 269 -8.73 -16.09 -26.44
CA CYS B 269 -8.58 -16.23 -25.00
C CYS B 269 -9.95 -16.44 -24.41
N TRP B 270 -10.02 -17.13 -23.27
CA TRP B 270 -11.29 -17.27 -22.56
C TRP B 270 -11.32 -16.31 -21.37
N SER B 271 -12.52 -16.00 -20.89
CA SER B 271 -12.68 -15.33 -19.61
C SER B 271 -12.40 -16.39 -18.57
N PRO B 272 -11.91 -15.99 -17.38
CA PRO B 272 -11.48 -16.96 -16.37
C PRO B 272 -12.56 -17.94 -15.93
N ASP B 273 -13.83 -17.60 -16.16
CA ASP B 273 -14.92 -18.50 -15.83
C ASP B 273 -15.33 -19.39 -17.01
N GLY B 274 -14.74 -19.16 -18.18
CA GLY B 274 -15.04 -19.97 -19.34
C GLY B 274 -16.40 -19.72 -20.00
N LYS B 275 -16.98 -18.55 -19.74
CA LYS B 275 -18.31 -18.21 -20.27
C LYS B 275 -18.23 -17.43 -21.58
N TYR B 276 -17.05 -16.86 -21.82
CA TYR B 276 -16.84 -15.91 -22.88
C TYR B 276 -15.54 -16.15 -23.60
N ILE B 277 -15.54 -15.95 -24.91
CA ILE B 277 -14.32 -16.05 -25.70
C ILE B 277 -14.08 -14.71 -26.32
N VAL B 278 -12.82 -14.31 -26.40
CA VAL B 278 -12.47 -13.07 -27.08
C VAL B 278 -11.42 -13.31 -28.15
N THR B 279 -11.75 -12.87 -29.38
CA THR B 279 -10.84 -12.94 -30.50
C THR B 279 -10.26 -11.59 -30.88
N GLY B 280 -9.16 -11.62 -31.61
CA GLY B 280 -8.60 -10.41 -32.16
C GLY B 280 -8.38 -10.67 -33.63
N GLY B 281 -8.52 -9.65 -34.46
CA GLY B 281 -8.54 -9.92 -35.89
C GLY B 281 -7.74 -9.05 -36.84
N GLU B 282 -7.72 -9.51 -38.08
CA GLU B 282 -7.13 -8.78 -39.18
C GLU B 282 -7.94 -7.53 -39.55
N ASP B 283 -9.11 -7.38 -38.95
CA ASP B 283 -9.90 -6.16 -39.11
C ASP B 283 -9.76 -5.19 -37.94
N ASP B 284 -8.78 -5.44 -37.06
CA ASP B 284 -8.47 -4.58 -35.93
C ASP B 284 -9.45 -4.62 -34.80
N LEU B 285 -10.45 -5.48 -34.93
CA LEU B 285 -11.48 -5.50 -33.90
C LEU B 285 -11.22 -6.60 -32.89
N VAL B 286 -11.73 -6.39 -31.69
CA VAL B 286 -11.82 -7.47 -30.73
C VAL B 286 -13.27 -7.88 -30.68
N THR B 287 -13.55 -9.19 -30.64
CA THR B 287 -14.93 -9.64 -30.57
C THR B 287 -15.16 -10.50 -29.33
N VAL B 288 -16.22 -10.17 -28.61
CA VAL B 288 -16.65 -10.93 -27.45
C VAL B 288 -17.72 -11.92 -27.89
N TRP B 289 -17.54 -13.18 -27.54
CA TRP B 289 -18.46 -14.23 -27.97
C TRP B 289 -19.00 -14.99 -26.76
N SER B 290 -20.29 -15.30 -26.74
CA SER B 290 -20.87 -16.04 -25.63
C SER B 290 -20.83 -17.53 -25.89
N PHE B 291 -20.34 -18.30 -24.91
CA PHE B 291 -20.17 -19.73 -25.07
C PHE B 291 -21.48 -20.49 -24.99
N VAL B 292 -22.38 -20.04 -24.10
CA VAL B 292 -23.65 -20.74 -23.96
C VAL B 292 -24.58 -20.34 -25.11
N ASP B 293 -24.60 -19.06 -25.47
CA ASP B 293 -25.51 -18.58 -26.52
C ASP B 293 -24.94 -18.79 -27.91
N CYS B 294 -23.63 -18.98 -27.99
CA CYS B 294 -22.93 -18.96 -29.27
C CYS B 294 -23.23 -17.70 -30.10
N ARG B 295 -23.43 -16.57 -29.43
CA ARG B 295 -23.70 -15.34 -30.16
C ARG B 295 -22.60 -14.33 -29.89
N VAL B 296 -22.48 -13.34 -30.76
CA VAL B 296 -21.58 -12.23 -30.51
C VAL B 296 -22.22 -11.20 -29.58
N ILE B 297 -21.50 -10.81 -28.54
CA ILE B 297 -22.00 -9.91 -27.51
C ILE B 297 -21.53 -8.48 -27.72
N ALA B 298 -20.33 -8.29 -28.27
CA ALA B 298 -19.81 -6.94 -28.47
C ALA B 298 -18.68 -6.95 -29.47
N ARG B 299 -18.14 -5.77 -29.77
CA ARG B 299 -16.96 -5.64 -30.59
C ARG B 299 -16.27 -4.38 -30.16
N GLY B 300 -14.95 -4.33 -30.25
CA GLY B 300 -14.28 -3.10 -29.86
C GLY B 300 -13.41 -2.56 -30.96
N HIS B 301 -13.58 -1.29 -31.28
CA HIS B 301 -12.67 -0.61 -32.20
C HIS B 301 -11.66 0.11 -31.35
N GLY B 302 -10.43 0.25 -31.82
CA GLY B 302 -9.45 0.95 -31.01
C GLY B 302 -8.09 0.76 -31.62
N HIS B 303 -7.79 -0.47 -31.99
CA HIS B 303 -6.55 -0.73 -32.68
C HIS B 303 -6.63 -0.18 -34.08
N LYS B 304 -5.53 0.40 -34.52
CA LYS B 304 -5.36 0.91 -35.85
C LYS B 304 -4.63 -0.11 -36.71
N SER B 305 -4.62 -1.36 -36.25
CA SER B 305 -4.11 -2.46 -37.08
C SER B 305 -4.43 -3.79 -36.44
N TRP B 306 -3.79 -4.84 -36.95
CA TRP B 306 -4.10 -6.19 -36.52
C TRP B 306 -3.99 -6.39 -35.02
N VAL B 307 -5.03 -6.98 -34.44
CA VAL B 307 -4.95 -7.41 -33.06
C VAL B 307 -4.14 -8.69 -33.05
N SER B 308 -3.07 -8.72 -32.25
CA SER B 308 -2.20 -9.87 -32.30
C SER B 308 -2.23 -10.70 -31.03
N VAL B 309 -2.54 -10.09 -29.87
CA VAL B 309 -2.75 -10.87 -28.64
C VAL B 309 -3.97 -10.39 -27.86
N VAL B 310 -4.77 -11.33 -27.35
CA VAL B 310 -5.86 -10.99 -26.47
C VAL B 310 -5.73 -11.78 -25.16
N ALA B 311 -5.96 -11.11 -24.03
CA ALA B 311 -5.93 -11.77 -22.72
C ALA B 311 -6.97 -11.18 -21.77
N PHE B 312 -7.72 -12.05 -21.08
CA PHE B 312 -8.47 -11.59 -19.91
C PHE B 312 -7.55 -11.33 -18.71
N ASP B 313 -7.99 -10.46 -17.82
CA ASP B 313 -7.25 -10.16 -16.58
C ASP B 313 -8.03 -10.68 -15.38
N PRO B 314 -7.61 -11.82 -14.85
CA PRO B 314 -8.35 -12.48 -13.77
C PRO B 314 -8.30 -11.66 -12.47
N TYR B 315 -7.27 -10.85 -12.32
CA TYR B 315 -7.07 -10.11 -11.08
C TYR B 315 -7.93 -8.86 -10.98
N THR B 316 -8.75 -8.59 -11.99
CA THR B 316 -9.72 -7.52 -11.87
C THR B 316 -11.04 -7.87 -12.54
N THR B 317 -11.52 -9.10 -12.34
CA THR B 317 -12.84 -9.47 -12.87
C THR B 317 -13.94 -9.21 -11.83
N VAL B 365 -21.82 -8.07 -12.04
CA VAL B 365 -20.70 -8.86 -12.57
C VAL B 365 -19.94 -8.08 -13.65
N THR B 366 -18.62 -8.25 -13.69
CA THR B 366 -17.81 -7.48 -14.63
C THR B 366 -16.51 -8.20 -15.01
N TYR B 367 -16.03 -7.97 -16.23
CA TYR B 367 -14.73 -8.51 -16.67
C TYR B 367 -13.80 -7.43 -17.23
N ARG B 368 -12.50 -7.70 -17.11
CA ARG B 368 -11.52 -6.93 -17.86
C ARG B 368 -10.69 -7.79 -18.77
N PHE B 369 -10.42 -7.30 -19.96
CA PHE B 369 -9.42 -7.93 -20.80
C PHE B 369 -8.59 -6.89 -21.52
N GLY B 370 -7.54 -7.36 -22.17
CA GLY B 370 -6.66 -6.49 -22.91
C GLY B 370 -6.33 -7.03 -24.29
N SER B 371 -5.73 -6.17 -25.09
CA SER B 371 -5.32 -6.53 -26.43
C SER B 371 -4.08 -5.76 -26.81
N VAL B 372 -3.15 -6.41 -27.47
CA VAL B 372 -2.08 -5.68 -28.09
C VAL B 372 -2.06 -6.02 -29.56
N GLY B 373 -1.40 -5.17 -30.34
CA GLY B 373 -1.36 -5.35 -31.77
C GLY B 373 -0.17 -4.78 -32.50
N GLN B 374 -0.24 -4.84 -33.83
CA GLN B 374 0.88 -4.38 -34.65
C GLN B 374 0.86 -2.87 -34.75
N ASP B 375 -0.18 -2.24 -34.24
CA ASP B 375 -0.18 -0.79 -34.20
C ASP B 375 0.68 -0.28 -33.04
N THR B 376 1.30 -1.21 -32.31
CA THR B 376 2.12 -0.98 -31.11
C THR B 376 1.34 -0.37 -29.95
N GLN B 377 0.02 -0.54 -29.98
CA GLN B 377 -0.84 -0.01 -28.94
C GLN B 377 -1.37 -1.10 -28.01
N LEU B 378 -1.62 -0.72 -26.76
CA LEU B 378 -2.29 -1.57 -25.78
C LEU B 378 -3.68 -1.04 -25.47
N CYS B 379 -4.66 -1.92 -25.47
CA CYS B 379 -6.01 -1.51 -25.09
C CYS B 379 -6.48 -2.35 -23.91
N LEU B 380 -7.21 -1.72 -23.00
CA LEU B 380 -7.90 -2.48 -21.97
C LEU B 380 -9.35 -2.23 -22.17
N TRP B 381 -10.16 -3.25 -21.91
CA TRP B 381 -11.58 -3.17 -22.16
C TRP B 381 -12.32 -3.61 -20.93
N ASP B 382 -13.48 -2.99 -20.72
CA ASP B 382 -14.36 -3.36 -19.63
C ASP B 382 -15.65 -3.89 -20.19
N LEU B 383 -16.10 -5.05 -19.72
CA LEU B 383 -17.41 -5.46 -20.14
C LEU B 383 -18.31 -5.83 -18.93
N THR B 384 -19.40 -5.08 -18.82
CA THR B 384 -20.24 -5.06 -17.63
C THR B 384 -21.56 -5.75 -17.87
N GLU B 385 -22.36 -5.85 -16.80
CA GLU B 385 -23.70 -6.46 -16.87
C GLU B 385 -24.60 -5.73 -17.87
N ASP B 386 -24.38 -4.43 -18.05
CA ASP B 386 -25.11 -3.67 -19.07
C ASP B 386 -24.79 -4.15 -20.49
N ILE B 387 -23.50 -4.39 -20.75
CA ILE B 387 -23.02 -4.88 -22.04
C ILE B 387 -23.25 -6.38 -22.21
N LEU B 388 -23.29 -7.09 -21.09
CA LEU B 388 -23.48 -8.53 -21.06
C LEU B 388 -24.88 -9.00 -21.39
N PHE B 389 -25.87 -8.44 -20.69
CA PHE B 389 -27.26 -8.91 -20.73
C PHE B 389 -28.23 -7.85 -21.30
N ASP B 519 -28.57 -6.17 -33.89
CA ASP B 519 -27.69 -5.11 -33.39
C ASP B 519 -26.77 -5.61 -32.29
N VAL B 520 -25.54 -5.09 -32.28
CA VAL B 520 -24.51 -5.52 -31.34
C VAL B 520 -23.80 -4.29 -30.77
N PRO B 521 -23.72 -4.22 -29.43
CA PRO B 521 -23.06 -3.06 -28.79
C PRO B 521 -21.59 -2.93 -29.17
N LEU B 522 -21.13 -1.70 -29.31
CA LEU B 522 -19.76 -1.42 -29.65
C LEU B 522 -18.98 -0.88 -28.45
N LEU B 523 -18.07 -1.70 -27.91
CA LEU B 523 -17.24 -1.27 -26.80
C LEU B 523 -16.19 -0.22 -27.18
N GLU B 524 -15.85 0.59 -26.20
CA GLU B 524 -14.76 1.54 -26.34
C GLU B 524 -13.72 1.25 -25.27
N PRO B 525 -12.46 1.59 -25.55
CA PRO B 525 -11.43 1.18 -24.60
C PRO B 525 -11.24 2.18 -23.45
N LEU B 526 -11.03 1.66 -22.24
CA LEU B 526 -10.66 2.52 -21.11
C LEU B 526 -9.33 3.12 -21.41
N ILE B 527 -8.46 2.30 -21.96
CA ILE B 527 -7.10 2.71 -22.22
C ILE B 527 -6.77 2.32 -23.64
N CYS B 528 -6.01 3.17 -24.30
CA CYS B 528 -5.50 2.92 -25.62
C CYS B 528 -4.22 3.71 -25.72
N LYS B 529 -3.08 3.03 -25.68
CA LYS B 529 -1.82 3.76 -25.66
C LYS B 529 -0.74 3.11 -26.49
N LYS B 530 0.02 3.93 -27.21
CA LYS B 530 1.26 3.50 -27.79
C LYS B 530 2.27 3.22 -26.68
N ILE B 531 2.65 1.96 -26.51
CA ILE B 531 3.59 1.56 -25.47
C ILE B 531 4.86 0.95 -26.03
N ALA B 532 4.94 0.76 -27.33
CA ALA B 532 6.13 0.16 -27.90
C ALA B 532 6.54 0.84 -29.20
N HIS B 533 7.73 0.52 -29.67
CA HIS B 533 8.25 1.11 -30.89
C HIS B 533 7.98 0.15 -32.06
N GLU B 534 7.87 -1.14 -31.72
CA GLU B 534 7.57 -2.16 -32.71
C GLU B 534 6.33 -2.94 -32.32
N ARG B 535 5.82 -3.74 -33.26
CA ARG B 535 4.60 -4.47 -33.03
C ARG B 535 4.69 -5.31 -31.75
N LEU B 536 3.65 -5.25 -30.94
CA LEU B 536 3.60 -6.02 -29.72
C LEU B 536 3.24 -7.48 -30.00
N THR B 537 3.82 -8.39 -29.21
CA THR B 537 3.64 -9.82 -29.44
C THR B 537 3.23 -10.61 -28.20
N VAL B 538 3.23 -9.98 -27.03
CA VAL B 538 2.94 -10.69 -25.77
C VAL B 538 2.03 -9.86 -24.88
N LEU B 539 0.96 -10.44 -24.36
CA LEU B 539 0.19 -9.78 -23.30
C LEU B 539 -0.20 -10.76 -22.18
N ILE B 540 0.42 -10.60 -21.03
CA ILE B 540 0.17 -11.50 -19.91
C ILE B 540 -0.19 -10.75 -18.64
N PHE B 541 -1.23 -11.23 -17.96
CA PHE B 541 -1.70 -10.59 -16.74
C PHE B 541 -1.30 -11.44 -15.57
N LEU B 542 -0.43 -10.90 -14.73
CA LEU B 542 -0.06 -11.60 -13.53
C LEU B 542 -0.62 -10.86 -12.33
N GLU B 543 -0.49 -11.49 -11.17
CA GLU B 543 -0.88 -10.91 -9.88
C GLU B 543 -0.21 -9.60 -9.54
N ASP B 544 1.07 -9.48 -9.75
CA ASP B 544 1.68 -8.23 -9.37
C ASP B 544 1.62 -7.24 -10.48
N CYS B 545 1.57 -7.75 -11.70
CA CYS B 545 1.85 -6.90 -12.82
C CYS B 545 1.30 -7.37 -14.15
N ILE B 546 1.73 -6.66 -15.18
CA ILE B 546 1.36 -6.95 -16.55
C ILE B 546 2.61 -7.05 -17.40
N VAL B 547 2.77 -8.16 -18.11
CA VAL B 547 3.91 -8.28 -19.01
C VAL B 547 3.49 -8.06 -20.47
N THR B 548 4.29 -7.29 -21.19
CA THR B 548 4.13 -7.09 -22.59
C THR B 548 5.46 -7.33 -23.22
N ALA B 549 5.49 -7.67 -24.50
CA ALA B 549 6.76 -7.70 -25.19
C ALA B 549 6.55 -7.22 -26.60
N CYS B 550 7.58 -6.64 -27.20
CA CYS B 550 7.49 -6.16 -28.57
C CYS B 550 8.43 -7.02 -29.41
N GLN B 551 8.43 -6.81 -30.71
CA GLN B 551 9.22 -7.63 -31.60
C GLN B 551 10.70 -7.31 -31.49
N GLU B 552 11.02 -6.22 -30.80
CA GLU B 552 12.43 -5.87 -30.52
C GLU B 552 13.10 -6.76 -29.48
N GLY B 553 12.32 -7.50 -28.72
CA GLY B 553 12.89 -8.45 -27.81
C GLY B 553 12.98 -8.00 -26.37
N PHE B 554 12.23 -6.94 -26.02
CA PHE B 554 12.20 -6.46 -24.66
C PHE B 554 10.96 -6.93 -23.95
N ILE B 555 11.16 -7.69 -22.90
CA ILE B 555 10.06 -8.15 -22.07
C ILE B 555 9.88 -7.12 -20.97
N CYS B 556 8.68 -6.58 -20.88
CA CYS B 556 8.44 -5.40 -20.05
C CYS B 556 7.46 -5.72 -18.95
N THR B 557 7.65 -5.07 -17.81
CA THR B 557 6.79 -5.34 -16.68
C THR B 557 6.09 -4.05 -16.26
N TRP B 558 4.80 -4.16 -15.98
CA TRP B 558 4.03 -3.01 -15.60
C TRP B 558 3.44 -3.30 -14.25
N GLY B 559 3.88 -2.58 -13.22
CA GLY B 559 3.36 -2.83 -11.89
C GLY B 559 1.92 -2.38 -11.75
N ARG B 560 1.08 -3.25 -11.21
CA ARG B 560 -0.27 -2.86 -10.88
C ARG B 560 -0.24 -1.77 -9.81
N PRO B 561 -1.33 -1.00 -9.71
CA PRO B 561 -1.52 -0.05 -8.60
C PRO B 561 -1.44 -0.73 -7.24
N GLY B 562 -0.59 -0.23 -6.36
CA GLY B 562 -0.38 -0.83 -5.05
C GLY B 562 0.78 -1.83 -4.97
N LYS B 563 0.99 -2.60 -6.04
CA LYS B 563 2.04 -3.62 -6.06
C LYS B 563 3.37 -3.06 -6.58
N GLU C 12 9.90 7.54 47.55
CA GLU C 12 8.79 7.45 46.61
C GLU C 12 9.28 6.93 45.26
N ILE C 13 8.33 6.63 44.36
CA ILE C 13 8.62 5.93 43.11
C ILE C 13 8.93 6.85 41.92
N LYS C 14 10.11 6.68 41.33
CA LYS C 14 10.54 7.49 40.19
C LYS C 14 9.94 6.99 38.88
N THR C 15 9.63 7.91 37.97
CA THR C 15 8.93 7.59 36.71
C THR C 15 9.77 7.93 35.49
N GLN C 16 10.99 8.39 35.73
CA GLN C 16 11.95 8.69 34.67
C GLN C 16 13.36 8.67 35.23
N PHE C 17 14.33 8.51 34.36
CA PHE C 17 15.73 8.57 34.76
C PHE C 17 16.62 8.84 33.56
N THR C 18 17.85 9.28 33.81
CA THR C 18 18.69 9.80 32.73
C THR C 18 20.06 9.10 32.62
N THR C 19 20.55 8.94 31.39
CA THR C 19 21.87 8.36 31.12
C THR C 19 22.66 9.17 30.10
N ARG C 20 23.81 8.63 29.67
CA ARG C 20 24.62 9.22 28.62
C ARG C 20 23.83 9.37 27.32
N GLU C 21 22.87 8.48 27.07
CA GLU C 21 22.08 8.56 25.85
C GLU C 21 20.82 9.40 26.05
N GLY C 22 20.61 9.88 27.26
CA GLY C 22 19.50 10.80 27.50
C GLY C 22 18.48 10.32 28.51
N LEU C 23 17.22 10.72 28.32
CA LEU C 23 16.14 10.45 29.26
C LEU C 23 15.30 9.22 28.92
N TYR C 24 15.11 8.35 29.91
CA TYR C 24 14.14 7.24 29.84
C TYR C 24 12.91 7.59 30.67
N LYS C 25 11.75 7.63 30.01
CA LYS C 25 10.50 8.03 30.68
C LYS C 25 9.41 6.97 30.53
N LEU C 26 8.65 6.76 31.60
CA LEU C 26 7.60 5.77 31.59
C LEU C 26 6.45 6.24 30.70
N LEU C 27 5.79 5.29 30.05
CA LEU C 27 4.66 5.59 29.19
C LEU C 27 3.36 5.06 29.78
N PRO C 28 2.59 5.94 30.42
CA PRO C 28 1.33 5.54 31.05
C PRO C 28 0.24 5.07 30.07
N HIS C 29 -0.01 5.72 28.92
CA HIS C 29 -0.85 5.07 27.89
C HIS C 29 -0.46 3.63 27.56
N SER C 30 0.84 3.35 27.56
CA SER C 30 1.30 2.08 27.02
C SER C 30 1.16 0.96 28.04
N GLU C 31 0.48 1.24 29.14
CA GLU C 31 0.32 0.25 30.19
C GLU C 31 -0.63 -0.88 29.80
N TYR C 32 -0.13 -2.11 29.92
CA TYR C 32 -0.96 -3.29 29.80
C TYR C 32 -1.20 -3.89 31.18
N SER C 33 -2.34 -4.55 31.32
CA SER C 33 -2.70 -5.26 32.54
C SER C 33 -4.02 -5.95 32.28
N ARG C 34 -4.57 -6.60 33.29
CA ARG C 34 -5.93 -7.08 33.18
C ARG C 34 -6.82 -5.84 33.13
N PRO C 35 -7.77 -5.82 32.18
CA PRO C 35 -8.59 -4.65 31.82
C PRO C 35 -9.22 -3.98 33.03
N ASN C 36 -9.65 -4.84 33.95
CA ASN C 36 -10.12 -4.46 35.27
C ASN C 36 -9.19 -3.45 35.95
N ARG C 37 -7.89 -3.56 35.66
CA ARG C 37 -6.87 -2.56 36.01
C ARG C 37 -6.58 -2.45 37.51
N VAL C 38 -7.11 -3.36 38.32
CA VAL C 38 -6.78 -3.31 39.74
C VAL C 38 -5.60 -4.24 40.04
N PRO C 39 -4.76 -3.84 41.00
CA PRO C 39 -3.59 -4.65 41.36
C PRO C 39 -3.97 -6.03 41.89
N PHE C 40 -3.00 -6.94 41.80
CA PHE C 40 -3.15 -8.33 42.19
C PHE C 40 -2.21 -8.62 43.37
N ASN C 41 -2.39 -9.75 44.07
CA ASN C 41 -1.49 -10.09 45.16
C ASN C 41 -1.52 -11.55 45.59
N SER C 42 -0.34 -12.10 45.86
CA SER C 42 -0.23 -13.46 46.39
C SER C 42 0.96 -13.58 47.35
N ASN C 46 2.68 -16.90 42.47
CA ASN C 46 3.20 -17.06 41.12
C ASN C 46 3.59 -15.74 40.49
N PRO C 47 4.73 -15.71 39.78
CA PRO C 47 5.27 -14.45 39.27
C PRO C 47 4.69 -14.06 37.92
N VAL C 48 4.40 -12.77 37.77
CA VAL C 48 3.82 -12.22 36.53
C VAL C 48 4.86 -12.25 35.41
N ARG C 49 4.57 -12.97 34.34
CA ARG C 49 5.54 -13.15 33.28
C ARG C 49 5.03 -12.64 31.94
N VAL C 50 5.96 -12.23 31.10
CA VAL C 50 5.63 -11.55 29.85
C VAL C 50 6.36 -12.19 28.69
N SER C 51 5.66 -12.44 27.60
CA SER C 51 6.26 -12.94 26.38
C SER C 51 5.87 -12.06 25.19
N PHE C 52 6.83 -11.86 24.28
CA PHE C 52 6.58 -11.13 23.03
C PHE C 52 6.93 -11.99 21.83
N VAL C 53 6.18 -11.81 20.75
CA VAL C 53 6.46 -12.51 19.51
C VAL C 53 6.09 -11.60 18.33
N ASN C 54 6.85 -11.73 17.24
CA ASN C 54 6.59 -10.99 16.02
C ASN C 54 6.16 -11.91 14.89
N LEU C 55 5.08 -11.52 14.22
CA LEU C 55 4.45 -12.36 13.23
C LEU C 55 4.96 -12.05 11.81
N ASN C 56 6.22 -11.65 11.71
CA ASN C 56 6.81 -11.28 10.41
C ASN C 56 6.05 -10.14 9.73
N ASN C 61 2.06 -3.27 13.18
CA ASN C 61 1.36 -3.92 14.30
C ASN C 61 1.56 -5.44 14.35
N GLY C 62 2.81 -5.88 14.20
CA GLY C 62 3.10 -7.30 14.12
C GLY C 62 3.63 -7.91 15.41
N ASP C 63 3.43 -7.21 16.52
CA ASP C 63 3.92 -7.65 17.82
C ASP C 63 2.79 -8.19 18.69
N ARG C 64 3.09 -9.25 19.43
CA ARG C 64 2.11 -9.82 20.36
C ARG C 64 2.61 -9.83 21.81
N LEU C 65 1.66 -9.70 22.75
CA LEU C 65 1.98 -9.71 24.17
C LEU C 65 1.14 -10.76 24.91
N CYS C 66 1.84 -11.64 25.63
CA CYS C 66 1.19 -12.57 26.53
C CYS C 66 1.66 -12.34 27.95
N PHE C 67 0.72 -12.15 28.87
CA PHE C 67 1.13 -12.16 30.27
C PHE C 67 0.21 -13.02 31.11
N ASN C 68 0.72 -13.46 32.25
CA ASN C 68 -0.04 -14.23 33.18
C ASN C 68 -0.24 -13.42 34.45
N VAL C 69 -1.40 -13.59 35.08
CA VAL C 69 -1.72 -12.93 36.34
C VAL C 69 -1.71 -13.66 37.66
N GLY C 70 -2.74 -14.41 37.95
CA GLY C 70 -2.80 -15.40 38.77
C GLY C 70 -3.46 -16.76 38.37
N ARG C 71 -4.66 -16.47 37.79
CA ARG C 71 -5.47 -17.51 37.24
C ARG C 71 -5.69 -17.17 35.79
N GLU C 72 -5.38 -15.85 35.38
CA GLU C 72 -5.65 -15.45 34.00
C GLU C 72 -4.42 -15.31 33.11
N LEU C 73 -4.61 -15.68 31.84
CA LEU C 73 -3.58 -15.62 30.82
C LEU C 73 -4.07 -14.75 29.63
N TYR C 74 -3.39 -13.62 29.42
CA TYR C 74 -3.84 -12.60 28.49
C TYR C 74 -3.02 -12.52 27.22
N PHE C 75 -3.67 -12.04 26.16
CA PHE C 75 -3.10 -11.98 24.83
C PHE C 75 -3.58 -10.74 24.08
N TYR C 76 -2.71 -9.75 23.94
CA TYR C 76 -3.04 -8.49 23.26
C TYR C 76 -2.04 -8.17 22.16
N ILE C 77 -2.41 -7.20 21.34
CA ILE C 77 -1.48 -6.62 20.39
C ILE C 77 -0.60 -5.65 21.16
N TYR C 78 0.71 -5.83 21.08
CA TYR C 78 1.58 -4.92 21.80
C TYR C 78 1.92 -3.71 20.93
N LYS C 79 1.39 -2.55 21.31
CA LYS C 79 1.48 -1.38 20.44
C LYS C 79 2.75 -0.53 20.68
N GLY C 80 3.81 -1.15 21.20
CA GLY C 80 5.07 -0.47 21.38
C GLY C 80 5.01 0.75 22.29
N VAL C 81 5.49 1.88 21.79
CA VAL C 81 5.45 3.14 22.54
C VAL C 81 4.15 3.90 22.30
N ARG C 82 3.37 3.44 21.32
CA ARG C 82 2.06 4.00 21.03
C ARG C 82 1.09 3.65 22.16
N LYS C 83 -0.16 4.07 22.02
CA LYS C 83 -1.18 3.76 23.02
C LYS C 83 -1.37 2.26 23.12
N ALA C 84 -1.51 1.76 24.34
CA ALA C 84 -1.75 0.33 24.53
C ALA C 84 -3.12 -0.03 23.98
N ALA C 85 -3.24 -1.19 23.35
CA ALA C 85 -4.50 -1.68 22.81
C ALA C 85 -5.62 -1.70 23.84
N ASP C 86 -6.85 -1.74 23.35
CA ASP C 86 -8.04 -1.79 24.20
C ASP C 86 -7.87 -3.02 25.08
N LEU C 87 -7.72 -2.81 26.38
CA LEU C 87 -7.54 -3.91 27.31
C LEU C 87 -8.90 -4.58 27.51
N SER C 88 -9.97 -3.87 27.19
CA SER C 88 -11.33 -4.40 27.32
C SER C 88 -11.54 -5.63 26.43
N LYS C 89 -10.92 -5.62 25.26
CA LYS C 89 -11.09 -6.70 24.29
C LYS C 89 -9.75 -7.38 24.00
N PRO C 90 -9.47 -8.48 24.71
CA PRO C 90 -8.23 -9.22 24.46
C PRO C 90 -8.45 -10.28 23.39
N ILE C 91 -7.50 -10.40 22.48
CA ILE C 91 -7.52 -11.43 21.44
C ILE C 91 -7.77 -12.81 22.02
N ASP C 92 -6.97 -13.20 23.01
CA ASP C 92 -7.28 -14.42 23.74
C ASP C 92 -7.15 -14.23 25.24
N LYS C 93 -8.00 -14.95 25.95
CA LYS C 93 -8.03 -14.92 27.40
C LYS C 93 -8.36 -16.31 27.93
N ARG C 94 -7.45 -16.91 28.70
CA ARG C 94 -7.76 -18.19 29.31
C ARG C 94 -7.83 -18.04 30.82
N ILE C 95 -8.68 -18.85 31.44
CA ILE C 95 -8.85 -18.81 32.86
C ILE C 95 -8.61 -20.17 33.48
N TYR C 96 -7.63 -20.21 34.38
CA TYR C 96 -7.20 -21.45 35.01
C TYR C 96 -7.69 -21.53 36.45
N LYS C 97 -8.67 -22.40 36.66
CA LYS C 97 -9.35 -22.51 37.95
C LYS C 97 -8.68 -23.52 38.88
N GLY C 98 -7.68 -24.23 38.36
CA GLY C 98 -6.92 -25.18 39.15
C GLY C 98 -5.53 -24.65 39.40
N THR C 99 -4.53 -25.37 38.88
CA THR C 99 -3.15 -24.88 38.86
C THR C 99 -3.04 -23.67 37.95
N GLN C 100 -2.08 -22.79 38.23
CA GLN C 100 -1.94 -21.52 37.52
C GLN C 100 -0.64 -21.43 36.73
N PRO C 101 -0.58 -20.51 35.75
CA PRO C 101 0.66 -20.31 34.98
C PRO C 101 1.81 -19.75 35.80
N THR C 102 3.01 -20.18 35.49
CA THR C 102 4.21 -19.67 36.14
C THR C 102 5.16 -19.08 35.09
N CYS C 103 5.03 -19.55 33.85
CA CYS C 103 5.83 -19.06 32.73
C CYS C 103 5.28 -19.48 31.36
N HIS C 104 5.79 -18.84 30.31
CA HIS C 104 5.35 -19.15 28.95
C HIS C 104 6.38 -18.74 27.90
N ASP C 105 6.25 -19.32 26.72
CA ASP C 105 7.19 -19.04 25.65
C ASP C 105 6.60 -19.27 24.27
N PHE C 106 6.83 -18.31 23.38
CA PHE C 106 6.40 -18.39 21.98
C PHE C 106 7.42 -19.10 21.11
N ASN C 107 6.92 -19.76 20.06
CA ASN C 107 7.83 -20.30 19.05
C ASN C 107 8.01 -19.28 17.93
N HIS C 108 9.24 -18.76 17.80
CA HIS C 108 9.54 -17.62 16.93
C HIS C 108 9.91 -18.03 15.53
N LEU C 109 10.27 -19.30 15.36
CA LEU C 109 10.56 -19.79 14.03
C LEU C 109 9.27 -19.96 13.23
N THR C 110 8.16 -20.12 13.94
CA THR C 110 6.91 -20.56 13.29
C THR C 110 5.73 -19.61 13.45
N ALA C 111 5.98 -18.41 13.99
CA ALA C 111 4.90 -17.47 14.20
C ALA C 111 4.46 -16.85 12.88
N THR C 112 3.16 -16.94 12.61
CA THR C 112 2.56 -16.31 11.43
C THR C 112 1.27 -15.59 11.78
N ALA C 113 0.57 -15.12 10.75
CA ALA C 113 -0.65 -14.36 10.96
C ALA C 113 -1.78 -15.22 11.52
N GLU C 114 -1.90 -16.44 11.02
CA GLU C 114 -3.02 -17.29 11.39
C GLU C 114 -2.76 -18.26 12.55
N SER C 115 -1.52 -18.27 13.08
CA SER C 115 -1.16 -19.26 14.11
C SER C 115 0.15 -19.00 14.87
N VAL C 116 0.08 -19.02 16.20
CA VAL C 116 1.27 -18.99 17.03
C VAL C 116 1.29 -20.14 18.04
N SER C 117 2.45 -20.75 18.22
CA SER C 117 2.64 -21.79 19.24
C SER C 117 3.05 -21.17 20.57
N LEU C 118 2.20 -21.32 21.59
CA LEU C 118 2.51 -20.79 22.91
C LEU C 118 2.55 -21.88 23.99
N LEU C 119 3.73 -22.05 24.59
CA LEU C 119 3.91 -22.98 25.69
C LEU C 119 3.70 -22.29 27.01
N VAL C 120 2.90 -22.92 27.87
CA VAL C 120 2.63 -22.40 29.20
C VAL C 120 3.02 -23.42 30.28
N GLY C 121 3.79 -22.98 31.28
CA GLY C 121 4.17 -23.81 32.41
C GLY C 121 3.27 -23.61 33.62
N PHE C 122 3.17 -24.61 34.50
CA PHE C 122 2.23 -24.52 35.62
C PHE C 122 2.82 -24.90 36.97
N SER C 123 2.07 -24.56 38.02
CA SER C 123 2.50 -24.77 39.40
C SER C 123 2.53 -26.24 39.76
N ALA C 124 1.66 -27.00 39.11
CA ALA C 124 1.64 -28.44 39.27
C ALA C 124 2.61 -29.06 38.27
N GLY C 125 3.33 -28.22 37.55
CA GLY C 125 4.36 -28.69 36.65
C GLY C 125 3.85 -29.31 35.37
N GLN C 126 2.64 -28.91 34.95
CA GLN C 126 2.16 -29.31 33.64
C GLN C 126 2.55 -28.27 32.61
N VAL C 127 2.62 -28.69 31.35
CA VAL C 127 2.84 -27.76 30.25
C VAL C 127 1.70 -27.87 29.24
N GLN C 128 1.05 -26.74 28.99
CA GLN C 128 0.03 -26.69 27.96
C GLN C 128 0.51 -25.89 26.76
N LEU C 129 0.36 -26.45 25.57
CA LEU C 129 0.60 -25.69 24.35
C LEU C 129 -0.71 -25.14 23.81
N ILE C 130 -0.75 -23.83 23.60
CA ILE C 130 -1.95 -23.15 23.10
C ILE C 130 -1.67 -22.45 21.78
N ASP C 131 -2.62 -22.52 20.86
CA ASP C 131 -2.61 -21.62 19.73
C ASP C 131 -3.64 -20.52 19.94
N PRO C 132 -3.20 -19.36 20.48
CA PRO C 132 -4.10 -18.29 20.94
C PRO C 132 -4.75 -17.48 19.80
N ILE C 133 -4.27 -17.66 18.57
CA ILE C 133 -4.86 -16.94 17.45
C ILE C 133 -5.92 -17.75 16.72
N LYS C 134 -5.54 -18.96 16.29
CA LYS C 134 -6.48 -19.82 15.60
C LYS C 134 -7.44 -20.47 16.59
N LYS C 135 -7.03 -20.48 17.87
CA LYS C 135 -7.85 -20.99 18.97
C LYS C 135 -8.36 -22.43 18.73
N GLU C 136 -7.63 -23.18 17.91
CA GLU C 136 -8.00 -24.55 17.57
C GLU C 136 -6.93 -25.56 18.02
N THR C 137 -6.21 -25.25 19.10
CA THR C 137 -5.14 -26.11 19.59
C THR C 137 -4.92 -25.94 21.08
N SER C 138 -5.06 -27.03 21.83
CA SER C 138 -4.82 -26.98 23.26
C SER C 138 -4.35 -28.33 23.76
N LYS C 139 -3.08 -28.64 23.55
CA LYS C 139 -2.51 -29.91 23.98
C LYS C 139 -1.89 -29.77 25.36
N LEU C 140 -1.93 -30.84 26.13
CA LEU C 140 -1.33 -30.85 27.46
C LEU C 140 -0.11 -31.74 27.53
N PHE C 141 0.80 -31.42 28.44
CA PHE C 141 1.99 -32.23 28.65
C PHE C 141 2.16 -32.49 30.13
N ASN C 142 2.49 -33.73 30.48
CA ASN C 142 2.65 -34.13 31.87
C ASN C 142 1.39 -33.82 32.68
N GLU C 143 0.24 -34.20 32.13
CA GLU C 143 -1.05 -33.83 32.68
C GLU C 143 -1.40 -34.62 33.94
N GLU C 144 -0.94 -35.86 33.96
CA GLU C 144 -1.20 -36.77 35.07
C GLU C 144 -0.10 -36.63 36.10
N ARG C 145 0.85 -35.73 35.81
CA ARG C 145 1.96 -35.42 36.69
C ARG C 145 2.78 -36.65 37.02
N LEU C 146 2.92 -37.55 36.05
CA LEU C 146 3.69 -38.75 36.29
C LEU C 146 5.17 -38.56 35.93
N ILE C 147 5.48 -37.48 35.22
CA ILE C 147 6.87 -37.18 34.86
C ILE C 147 7.53 -36.30 35.92
N ASP C 148 6.75 -35.40 36.52
CA ASP C 148 7.26 -34.49 37.54
C ASP C 148 6.09 -33.72 38.15
N LYS C 149 6.06 -33.68 39.48
CA LYS C 149 4.95 -33.05 40.19
C LYS C 149 5.30 -31.64 40.61
N SER C 150 6.53 -31.22 40.39
CA SER C 150 6.95 -29.95 40.95
C SER C 150 6.70 -28.87 39.93
N ARG C 151 6.47 -27.66 40.41
CA ARG C 151 6.18 -26.52 39.54
C ARG C 151 7.20 -26.35 38.43
N VAL C 152 6.71 -25.89 37.29
CA VAL C 152 7.57 -25.47 36.20
C VAL C 152 8.24 -24.17 36.64
N THR C 153 9.48 -23.98 36.24
CA THR C 153 10.22 -22.78 36.58
C THR C 153 10.63 -22.07 35.30
N CYS C 154 10.50 -22.78 34.17
CA CYS C 154 10.99 -22.28 32.90
C CYS C 154 10.62 -23.18 31.73
N VAL C 155 10.00 -22.60 30.72
CA VAL C 155 9.78 -23.27 29.45
C VAL C 155 10.33 -22.42 28.33
N LYS C 156 11.14 -23.05 27.48
CA LYS C 156 11.60 -22.40 26.26
C LYS C 156 11.70 -23.43 25.15
N TRP C 157 11.12 -23.10 23.99
CA TRP C 157 11.38 -23.81 22.76
C TRP C 157 12.88 -23.83 22.48
N VAL C 158 13.46 -25.01 22.27
CA VAL C 158 14.86 -25.06 21.91
C VAL C 158 15.04 -24.33 20.58
N PRO C 159 16.03 -23.41 20.52
CA PRO C 159 16.31 -22.54 19.37
C PRO C 159 16.40 -23.27 18.03
N GLY C 160 15.64 -22.78 17.05
CA GLY C 160 15.66 -23.34 15.71
C GLY C 160 14.89 -24.64 15.56
N SER C 161 14.10 -24.99 16.57
CA SER C 161 13.26 -26.16 16.46
C SER C 161 11.83 -25.70 16.21
N GLU C 162 10.98 -26.62 15.76
CA GLU C 162 9.57 -26.32 15.56
C GLU C 162 8.76 -27.23 16.44
N SER C 163 9.43 -28.19 17.05
CA SER C 163 8.75 -29.29 17.71
C SER C 163 9.23 -29.51 19.13
N LEU C 164 10.55 -29.39 19.33
CA LEU C 164 11.18 -29.70 20.62
C LEU C 164 11.21 -28.53 21.60
N PHE C 165 10.96 -28.80 22.88
CA PHE C 165 11.12 -27.76 23.89
C PHE C 165 11.59 -28.31 25.24
N LEU C 166 11.97 -27.37 26.12
CA LEU C 166 12.65 -27.71 27.36
C LEU C 166 11.95 -27.07 28.55
N VAL C 167 11.62 -27.88 29.56
CA VAL C 167 10.92 -27.39 30.74
C VAL C 167 11.68 -27.69 32.05
N ALA C 168 11.96 -26.64 32.81
CA ALA C 168 12.64 -26.79 34.09
C ALA C 168 11.62 -26.87 35.23
N HIS C 169 12.02 -27.52 36.31
CA HIS C 169 11.11 -27.77 37.42
C HIS C 169 11.72 -27.45 38.76
N SER C 170 10.84 -27.17 39.72
CA SER C 170 11.16 -26.93 41.11
C SER C 170 12.09 -27.99 41.67
N SER C 171 11.99 -29.18 41.11
CA SER C 171 12.78 -30.31 41.59
C SER C 171 14.20 -30.36 41.06
N GLY C 172 14.62 -29.36 40.28
CA GLY C 172 15.97 -29.30 39.75
C GLY C 172 16.19 -30.24 38.58
N ASN C 173 15.34 -30.07 37.58
CA ASN C 173 15.00 -31.09 36.61
C ASN C 173 14.45 -30.45 35.34
N MET C 174 15.05 -30.82 34.21
CA MET C 174 14.61 -30.34 32.91
C MET C 174 14.15 -31.52 32.11
N TYR C 175 13.13 -31.31 31.30
CA TYR C 175 12.67 -32.38 30.45
C TYR C 175 12.53 -31.87 29.02
N LEU C 176 12.84 -32.76 28.08
CA LEU C 176 12.76 -32.46 26.68
C LEU C 176 11.53 -33.12 26.12
N TYR C 177 10.68 -32.30 25.50
CA TYR C 177 9.46 -32.76 24.90
C TYR C 177 9.46 -32.50 23.41
N ASN C 178 8.79 -33.38 22.67
CA ASN C 178 8.45 -33.13 21.30
C ASN C 178 6.96 -32.87 21.23
N VAL C 179 6.58 -31.72 20.69
CA VAL C 179 5.19 -31.30 20.69
C VAL C 179 4.32 -32.30 19.97
N GLU C 180 4.89 -32.96 18.96
CA GLU C 180 4.15 -33.92 18.16
C GLU C 180 3.99 -35.29 18.85
N HIS C 181 4.82 -35.56 19.85
CA HIS C 181 4.74 -36.84 20.56
C HIS C 181 3.75 -36.74 21.70
N THR C 182 3.46 -37.88 22.34
CA THR C 182 2.52 -37.91 23.46
C THR C 182 3.15 -38.56 24.69
N CYS C 183 2.37 -38.69 25.76
CA CYS C 183 2.87 -39.27 27.02
C CYS C 183 1.88 -40.27 27.59
N GLY C 184 1.92 -40.46 28.91
CA GLY C 184 0.85 -41.16 29.60
C GLY C 184 1.05 -42.60 30.04
N THR C 185 1.62 -43.42 29.15
CA THR C 185 1.76 -44.88 29.33
C THR C 185 2.04 -45.52 30.69
N THR C 186 2.96 -44.92 31.44
CA THR C 186 3.18 -45.17 32.86
C THR C 186 4.29 -44.23 33.26
N ALA C 187 4.58 -44.14 34.56
CA ALA C 187 5.74 -43.35 35.00
C ALA C 187 6.95 -43.84 34.22
N PRO C 188 7.63 -42.92 33.51
CA PRO C 188 8.68 -43.28 32.54
C PRO C 188 9.80 -44.13 33.14
N HIS C 189 10.28 -45.09 32.36
CA HIS C 189 11.46 -45.86 32.73
C HIS C 189 12.66 -45.32 31.96
N TYR C 190 13.70 -44.93 32.70
CA TYR C 190 14.83 -44.21 32.10
C TYR C 190 16.09 -45.05 31.98
N GLN C 191 16.89 -44.76 30.97
CA GLN C 191 18.22 -45.35 30.80
C GLN C 191 19.28 -44.26 30.94
N LEU C 192 20.50 -44.63 31.31
CA LEU C 192 21.54 -43.64 31.55
C LEU C 192 22.40 -43.34 30.33
N LEU C 193 22.39 -42.07 29.92
CA LEU C 193 23.12 -41.64 28.75
C LEU C 193 24.48 -41.07 29.11
N LYS C 194 24.50 -39.93 29.78
CA LYS C 194 25.76 -39.34 30.24
C LYS C 194 25.68 -39.04 31.73
N GLN C 195 26.80 -39.25 32.42
CA GLN C 195 26.94 -38.88 33.81
C GLN C 195 28.08 -37.90 33.97
N GLY C 196 27.86 -36.82 34.73
CA GLY C 196 28.89 -35.81 34.88
C GLY C 196 28.97 -35.28 36.29
N GLU C 197 29.65 -34.16 36.46
CA GLU C 197 29.81 -33.55 37.75
C GLU C 197 28.60 -32.73 38.15
N SER C 198 27.80 -33.28 39.06
CA SER C 198 26.58 -32.62 39.54
C SER C 198 25.48 -32.54 38.47
N PHE C 199 25.47 -33.50 37.56
CA PHE C 199 24.40 -33.58 36.57
C PHE C 199 24.42 -34.97 35.91
N ALA C 200 23.27 -35.35 35.34
CA ALA C 200 23.16 -36.62 34.63
C ALA C 200 21.94 -36.61 33.71
N VAL C 201 22.11 -37.13 32.49
CA VAL C 201 21.05 -37.13 31.49
C VAL C 201 20.52 -38.53 31.22
N HIS C 202 19.21 -38.69 31.32
CA HIS C 202 18.59 -40.00 31.12
C HIS C 202 17.70 -39.99 29.88
N THR C 203 17.42 -41.14 29.31
CA THR C 203 16.54 -41.23 28.16
C THR C 203 15.37 -42.14 28.48
N CYS C 204 14.34 -42.29 27.50
CA CYS C 204 13.25 -43.18 27.90
C CYS C 204 13.03 -44.36 26.97
N LYS C 205 12.27 -45.34 27.43
CA LYS C 205 11.98 -46.53 26.63
C LYS C 205 10.55 -46.52 26.12
N THR C 209 9.26 -42.26 20.12
CA THR C 209 7.93 -41.80 19.75
C THR C 209 7.11 -41.29 20.95
N ARG C 210 7.74 -41.36 22.11
CA ARG C 210 7.08 -41.22 23.38
C ARG C 210 7.68 -40.00 24.00
N ASN C 211 6.92 -39.33 24.84
CA ASN C 211 7.20 -37.95 25.07
C ASN C 211 8.45 -37.49 25.72
N PRO C 212 8.57 -37.70 27.10
CA PRO C 212 9.79 -37.09 27.65
C PRO C 212 11.00 -37.63 26.95
N LEU C 213 11.45 -36.92 25.92
CA LEU C 213 12.56 -37.43 25.12
C LEU C 213 13.75 -37.79 26.02
N LEU C 214 14.09 -36.88 26.93
CA LEU C 214 15.10 -37.18 27.94
C LEU C 214 14.92 -36.36 29.23
N LYS C 215 15.40 -36.90 30.35
CA LYS C 215 15.41 -36.16 31.62
C LYS C 215 16.82 -35.66 31.98
N TRP C 216 16.91 -34.37 32.29
CA TRP C 216 18.18 -33.76 32.58
C TRP C 216 18.23 -33.24 34.02
N THR C 217 18.95 -33.98 34.86
CA THR C 217 19.06 -33.66 36.28
C THR C 217 20.22 -32.70 36.53
N VAL C 218 19.95 -31.62 37.25
CA VAL C 218 20.94 -30.56 37.44
C VAL C 218 21.08 -30.15 38.90
N GLY C 219 22.29 -30.29 39.43
CA GLY C 219 22.62 -29.82 40.76
C GLY C 219 21.71 -30.39 41.82
N GLU C 220 21.56 -29.66 42.91
CA GLU C 220 20.59 -30.05 43.91
C GLU C 220 19.71 -28.84 44.15
N GLY C 221 18.43 -29.10 44.38
CA GLY C 221 17.49 -28.02 44.60
C GLY C 221 16.92 -27.48 43.31
N ALA C 222 16.05 -26.49 43.46
CA ALA C 222 15.29 -25.93 42.34
C ALA C 222 16.19 -25.44 41.23
N LEU C 223 15.89 -25.85 40.00
CA LEU C 223 16.49 -25.22 38.86
C LEU C 223 15.65 -23.98 38.60
N ASN C 224 16.19 -22.83 38.93
CA ASN C 224 15.39 -21.61 38.92
C ASN C 224 15.14 -21.07 37.50
N GLU C 225 16.12 -21.25 36.63
CA GLU C 225 16.06 -20.76 35.27
C GLU C 225 17.12 -21.39 34.38
N PHE C 226 16.83 -21.47 33.09
CA PHE C 226 17.85 -21.79 32.11
C PHE C 226 17.77 -20.83 30.95
N ALA C 227 18.88 -20.67 30.25
CA ALA C 227 18.92 -19.81 29.08
C ALA C 227 19.88 -20.40 28.06
N PHE C 228 19.47 -20.33 26.80
CA PHE C 228 20.29 -20.79 25.69
C PHE C 228 21.23 -19.68 25.25
N SER C 229 22.44 -20.06 24.85
CA SER C 229 23.36 -19.12 24.22
C SER C 229 22.76 -18.60 22.90
N PRO C 230 23.21 -17.44 22.43
CA PRO C 230 22.63 -16.89 21.20
C PRO C 230 22.77 -17.83 20.01
N ASP C 231 23.89 -18.53 19.87
CA ASP C 231 24.05 -19.46 18.77
C ASP C 231 23.23 -20.73 19.00
N GLY C 232 22.76 -20.91 20.23
CA GLY C 232 21.92 -22.05 20.58
C GLY C 232 22.62 -23.38 20.80
N LYS C 233 23.96 -23.38 20.76
CA LYS C 233 24.68 -24.63 20.97
C LYS C 233 25.02 -24.83 22.45
N PHE C 234 24.76 -23.80 23.26
CA PHE C 234 25.05 -23.84 24.70
C PHE C 234 23.85 -23.54 25.58
N LEU C 235 23.88 -24.05 26.81
CA LEU C 235 22.79 -23.90 27.76
C LEU C 235 23.30 -23.61 29.16
N ALA C 236 22.82 -22.52 29.76
CA ALA C 236 23.20 -22.15 31.10
C ALA C 236 22.05 -22.31 32.08
N CYS C 237 22.30 -22.95 33.22
CA CYS C 237 21.30 -23.15 34.26
C CYS C 237 21.68 -22.52 35.58
N VAL C 238 20.69 -22.06 36.33
CA VAL C 238 20.93 -21.66 37.72
C VAL C 238 20.01 -22.39 38.69
N SER C 239 20.66 -23.10 39.62
CA SER C 239 19.98 -23.81 40.69
C SER C 239 20.16 -23.00 41.98
N GLN C 240 19.24 -23.23 42.92
CA GLN C 240 19.38 -22.79 44.31
C GLN C 240 20.58 -23.31 45.11
N ASP C 241 21.30 -24.31 44.59
CA ASP C 241 22.51 -24.73 45.31
C ASP C 241 23.62 -23.70 45.10
N GLY C 242 23.29 -22.64 44.36
CA GLY C 242 24.20 -21.52 44.17
C GLY C 242 25.11 -21.66 42.97
N PHE C 243 24.84 -22.67 42.14
CA PHE C 243 25.67 -22.94 40.96
C PHE C 243 25.10 -22.50 39.61
N LEU C 244 25.83 -21.62 38.94
CA LEU C 244 25.68 -21.44 37.51
C LEU C 244 26.38 -22.59 36.79
N ARG C 245 25.66 -23.32 35.94
CA ARG C 245 26.30 -24.36 35.14
C ARG C 245 26.05 -24.09 33.66
N VAL C 246 27.07 -24.34 32.83
CA VAL C 246 26.93 -24.13 31.40
C VAL C 246 27.32 -25.39 30.63
N PHE C 247 26.33 -25.95 29.92
CA PHE C 247 26.51 -27.18 29.17
C PHE C 247 26.64 -26.94 27.67
N ASN C 248 27.37 -27.84 27.02
CA ASN C 248 27.32 -27.91 25.58
C ASN C 248 26.09 -28.72 25.21
N PHE C 249 25.04 -28.03 24.76
CA PHE C 249 23.73 -28.61 24.63
C PHE C 249 23.70 -29.81 23.68
N ASP C 250 24.25 -29.64 22.49
CA ASP C 250 24.28 -30.72 21.51
C ASP C 250 25.21 -31.84 21.98
N SER C 251 26.32 -31.44 22.58
CA SER C 251 27.36 -32.39 22.96
C SER C 251 27.09 -33.06 24.32
N VAL C 252 26.19 -32.47 25.09
CA VAL C 252 25.90 -32.91 26.48
C VAL C 252 27.19 -33.03 27.30
N GLU C 253 27.99 -31.97 27.25
CA GLU C 253 29.20 -31.87 28.06
C GLU C 253 29.17 -30.57 28.86
N LEU C 254 29.85 -30.53 29.99
CA LEU C 254 29.88 -29.33 30.83
C LEU C 254 31.09 -28.45 30.50
N HIS C 255 30.80 -27.22 30.09
CA HIS C 255 31.82 -26.31 29.57
C HIS C 255 32.45 -25.49 30.69
N GLY C 256 31.64 -25.14 31.68
CA GLY C 256 32.14 -24.38 32.81
C GLY C 256 31.09 -24.26 33.87
N THR C 257 31.53 -23.91 35.08
CA THR C 257 30.60 -23.66 36.18
C THR C 257 30.96 -22.38 36.90
N MET C 258 30.22 -22.13 37.99
CA MET C 258 30.43 -20.96 38.82
C MET C 258 29.54 -21.12 40.05
N LYS C 259 29.89 -20.44 41.14
CA LYS C 259 29.09 -20.48 42.37
C LYS C 259 29.11 -19.14 43.11
N SER C 260 27.93 -18.66 43.48
CA SER C 260 27.83 -17.42 44.26
C SER C 260 28.23 -17.66 45.72
N TYR C 261 28.54 -16.59 46.44
CA TYR C 261 29.07 -16.72 47.79
C TYR C 261 28.03 -17.08 48.84
N PHE C 262 26.76 -16.85 48.53
CA PHE C 262 25.71 -17.09 49.48
C PHE C 262 24.38 -17.17 48.75
N GLY C 263 23.60 -18.20 49.07
CA GLY C 263 22.30 -18.40 48.44
C GLY C 263 22.38 -18.96 47.03
N GLY C 264 21.22 -19.31 46.49
CA GLY C 264 21.13 -19.81 45.13
C GLY C 264 21.14 -18.67 44.12
N LEU C 265 21.23 -19.03 42.84
CA LEU C 265 21.14 -18.04 41.77
C LEU C 265 19.79 -18.16 41.10
N LEU C 266 19.16 -17.02 40.88
CA LEU C 266 17.76 -17.02 40.52
C LEU C 266 17.51 -16.82 39.02
N CYS C 267 18.44 -16.14 38.36
CA CYS C 267 18.25 -15.78 36.96
C CYS C 267 19.54 -15.75 36.16
N VAL C 268 19.43 -15.92 34.83
CA VAL C 268 20.59 -15.75 33.96
C VAL C 268 20.22 -15.08 32.64
N CYS C 269 21.27 -14.75 31.88
CA CYS C 269 21.15 -14.28 30.51
C CYS C 269 22.54 -14.28 29.89
N TRP C 270 22.62 -14.36 28.57
CA TRP C 270 23.91 -14.30 27.89
C TRP C 270 24.18 -12.91 27.34
N SER C 271 25.44 -12.65 27.01
CA SER C 271 25.81 -11.48 26.21
C SER C 271 25.33 -11.70 24.78
N PRO C 272 24.92 -10.62 24.09
CA PRO C 272 24.38 -10.76 22.73
C PRO C 272 25.34 -11.45 21.75
N ASP C 273 26.64 -11.47 22.06
CA ASP C 273 27.60 -12.19 21.21
C ASP C 273 28.01 -13.53 21.82
N GLY C 274 27.47 -13.84 23.00
CA GLY C 274 27.67 -15.14 23.62
C GLY C 274 28.97 -15.28 24.38
N LYS C 275 29.75 -14.20 24.42
CA LYS C 275 31.08 -14.22 25.01
C LYS C 275 30.99 -14.13 26.54
N TYR C 276 29.86 -13.64 27.02
CA TYR C 276 29.69 -13.35 28.45
C TYR C 276 28.31 -13.72 28.95
N ILE C 277 28.22 -14.07 30.24
CA ILE C 277 26.96 -14.41 30.87
C ILE C 277 26.83 -13.64 32.19
N VAL C 278 25.61 -13.28 32.59
CA VAL C 278 25.42 -12.67 33.90
C VAL C 278 24.29 -13.35 34.72
N THR C 279 24.51 -13.43 36.03
CA THR C 279 23.56 -14.05 36.93
C THR C 279 23.05 -13.09 37.97
N GLY C 280 21.90 -13.42 38.54
CA GLY C 280 21.36 -12.74 39.71
C GLY C 280 21.15 -13.73 40.82
N GLY C 281 21.48 -13.33 42.05
CA GLY C 281 21.39 -14.23 43.18
C GLY C 281 20.69 -13.67 44.40
N GLU C 282 20.57 -14.50 45.44
CA GLU C 282 19.93 -14.09 46.68
C GLU C 282 20.91 -13.43 47.66
N ASP C 283 22.09 -13.06 47.15
CA ASP C 283 23.01 -12.20 47.88
C ASP C 283 22.93 -10.77 47.37
N ASP C 284 21.91 -10.50 46.57
CA ASP C 284 21.59 -9.19 45.98
C ASP C 284 22.54 -8.83 44.84
N LEU C 285 23.29 -9.82 44.36
CA LEU C 285 24.45 -9.55 43.53
C LEU C 285 24.39 -10.10 42.11
N VAL C 286 24.70 -9.23 41.16
CA VAL C 286 24.84 -9.63 39.77
C VAL C 286 26.27 -10.08 39.53
N THR C 287 26.45 -11.08 38.67
CA THR C 287 27.78 -11.61 38.44
C THR C 287 28.08 -11.76 36.95
N VAL C 288 29.29 -11.35 36.55
CA VAL C 288 29.73 -11.47 35.18
C VAL C 288 30.75 -12.62 35.05
N TRP C 289 30.53 -13.49 34.06
CA TRP C 289 31.30 -14.71 33.82
C TRP C 289 31.64 -14.86 32.34
N SER C 290 32.93 -14.80 31.97
CA SER C 290 33.28 -14.88 30.56
C SER C 290 33.28 -16.35 30.12
N PHE C 291 32.42 -16.63 29.14
CA PHE C 291 32.22 -17.95 28.57
C PHE C 291 33.51 -18.60 28.09
N VAL C 292 34.41 -17.78 27.57
CA VAL C 292 35.66 -18.27 26.99
C VAL C 292 36.70 -18.59 28.05
N ASP C 293 36.83 -17.71 29.03
CA ASP C 293 37.79 -17.87 30.11
C ASP C 293 37.25 -18.80 31.19
N CYS C 294 35.92 -18.90 31.24
CA CYS C 294 35.23 -19.66 32.29
C CYS C 294 35.65 -19.15 33.65
N ARG C 295 35.61 -17.83 33.82
CA ARG C 295 36.01 -17.20 35.07
C ARG C 295 35.13 -15.98 35.33
N VAL C 296 34.83 -15.73 36.59
CA VAL C 296 34.07 -14.55 36.98
C VAL C 296 34.90 -13.31 36.69
N ILE C 297 34.27 -12.32 36.04
CA ILE C 297 34.98 -11.14 35.59
C ILE C 297 34.71 -9.94 36.49
N ALA C 298 33.52 -9.87 37.07
CA ALA C 298 33.14 -8.73 37.94
C ALA C 298 31.88 -9.01 38.76
N ARG C 299 31.67 -8.17 39.78
CA ARG C 299 30.49 -8.28 40.63
C ARG C 299 29.94 -6.90 40.95
N GLY C 300 28.62 -6.77 40.93
CA GLY C 300 27.97 -5.48 41.10
C GLY C 300 27.14 -5.39 42.37
N HIS C 301 27.51 -4.47 43.26
CA HIS C 301 26.78 -4.28 44.51
C HIS C 301 25.79 -3.12 44.38
N GLY C 302 24.64 -3.39 43.78
CA GLY C 302 23.62 -2.38 43.60
C GLY C 302 22.20 -2.91 43.71
N HIS C 303 21.86 -3.44 44.88
CA HIS C 303 20.53 -3.99 45.13
C HIS C 303 20.32 -4.13 46.64
N LYS C 304 19.06 -4.04 47.07
CA LYS C 304 18.77 -4.16 48.50
C LYS C 304 17.91 -5.40 48.81
N SER C 305 17.81 -6.32 47.85
CA SER C 305 17.20 -7.63 48.05
C SER C 305 17.61 -8.54 46.91
N TRP C 306 16.88 -9.63 46.72
CA TRP C 306 17.24 -10.61 45.69
C TRP C 306 17.06 -10.09 44.27
N VAL C 307 17.95 -10.52 43.37
CA VAL C 307 17.84 -10.15 41.98
C VAL C 307 16.97 -11.15 41.24
N SER C 308 15.89 -10.67 40.65
CA SER C 308 14.88 -11.55 40.08
C SER C 308 15.02 -11.81 38.58
N VAL C 309 15.40 -10.78 37.82
CA VAL C 309 15.63 -10.91 36.39
C VAL C 309 16.93 -10.19 36.01
N VAL C 310 17.72 -10.77 35.10
CA VAL C 310 18.87 -10.06 34.57
C VAL C 310 18.82 -10.08 33.05
N ALA C 311 19.32 -9.03 32.42
CA ALA C 311 19.19 -8.88 30.97
C ALA C 311 20.14 -7.86 30.34
N PHE C 312 20.68 -8.22 29.18
CA PHE C 312 21.52 -7.32 28.37
C PHE C 312 20.69 -6.43 27.46
N ASP C 313 21.16 -5.20 27.22
CA ASP C 313 20.55 -4.36 26.19
C ASP C 313 21.40 -4.41 24.92
N PRO C 314 20.81 -4.89 23.83
CA PRO C 314 21.52 -4.93 22.56
C PRO C 314 21.53 -3.56 21.87
N TYR C 315 20.57 -2.71 22.21
CA TYR C 315 20.30 -1.50 21.46
C TYR C 315 21.10 -0.30 21.98
N THR C 316 21.91 -0.55 22.98
CA THR C 316 22.97 0.35 23.37
C THR C 316 24.18 -0.51 23.74
N THR C 317 24.72 -1.21 22.73
CA THR C 317 25.90 -2.03 22.93
C THR C 317 26.74 -2.06 21.65
N THR C 366 32.09 -2.57 24.33
CA THR C 366 31.46 -2.19 25.59
C THR C 366 30.02 -2.71 25.66
N TYR C 367 29.62 -3.16 26.85
CA TYR C 367 28.30 -3.75 27.07
C TYR C 367 27.44 -2.97 28.07
N ARG C 368 26.12 -3.05 27.90
CA ARG C 368 25.15 -2.48 28.82
C ARG C 368 24.07 -3.50 29.17
N PHE C 369 23.98 -3.87 30.44
CA PHE C 369 22.91 -4.76 30.87
C PHE C 369 22.14 -4.15 32.05
N GLY C 370 21.00 -4.75 32.38
CA GLY C 370 20.20 -4.29 33.49
C GLY C 370 19.74 -5.40 34.40
N SER C 371 19.04 -5.05 35.46
CA SER C 371 18.51 -6.03 36.39
C SER C 371 17.45 -5.43 37.29
N VAL C 372 16.37 -6.16 37.50
CA VAL C 372 15.35 -5.78 38.48
C VAL C 372 15.42 -6.68 39.70
N GLY C 373 15.04 -6.15 40.86
CA GLY C 373 15.10 -6.94 42.07
C GLY C 373 13.79 -7.01 42.80
N GLN C 374 13.81 -7.67 43.96
CA GLN C 374 12.65 -7.72 44.82
C GLN C 374 12.64 -6.51 45.74
N ASP C 375 13.62 -5.64 45.52
CA ASP C 375 13.75 -4.41 46.29
C ASP C 375 12.96 -3.29 45.63
N THR C 376 12.27 -3.65 44.55
CA THR C 376 11.43 -2.72 43.76
C THR C 376 12.31 -1.72 43.03
N GLN C 377 13.56 -2.09 42.77
CA GLN C 377 14.50 -1.20 42.11
C GLN C 377 14.98 -1.70 40.75
N LEU C 378 15.47 -0.75 39.95
CA LEU C 378 16.03 -1.05 38.65
C LEU C 378 17.50 -0.60 38.57
N CYS C 379 18.35 -1.44 37.97
CA CYS C 379 19.77 -1.13 37.86
C CYS C 379 20.27 -1.18 36.42
N LEU C 380 21.24 -0.33 36.10
CA LEU C 380 21.88 -0.34 34.79
C LEU C 380 23.38 -0.48 34.96
N TRP C 381 24.01 -1.27 34.10
CA TRP C 381 25.41 -1.58 34.30
C TRP C 381 26.25 -1.42 33.05
N ASP C 382 27.40 -0.78 33.22
CA ASP C 382 28.33 -0.55 32.13
C ASP C 382 29.51 -1.51 32.18
N LEU C 383 29.52 -2.46 31.27
CA LEU C 383 30.64 -3.38 31.12
C LEU C 383 31.55 -2.88 29.99
N THR C 384 32.70 -2.33 30.35
CA THR C 384 33.64 -1.78 29.38
C THR C 384 34.91 -2.63 29.28
N GLU C 385 35.79 -2.28 28.34
CA GLU C 385 37.01 -3.06 28.08
C GLU C 385 37.97 -3.02 29.27
N ASP C 386 37.99 -1.88 29.97
CA ASP C 386 38.75 -1.74 31.20
C ASP C 386 38.35 -2.83 32.20
N ILE C 387 37.06 -2.91 32.47
CA ILE C 387 36.50 -3.89 33.40
C ILE C 387 36.53 -5.31 32.83
N LEU C 388 36.59 -5.43 31.49
CA LEU C 388 36.58 -6.73 30.83
C LEU C 388 37.94 -7.39 30.83
N PHE C 389 38.89 -6.78 30.13
CA PHE C 389 40.25 -7.30 30.07
C PHE C 389 41.27 -6.26 30.54
N VAL C 520 38.94 -9.54 41.84
CA VAL C 520 37.79 -9.27 40.95
C VAL C 520 37.18 -7.91 41.26
N PRO C 521 37.04 -7.06 40.23
CA PRO C 521 36.55 -5.68 40.38
C PRO C 521 35.10 -5.62 40.89
N LEU C 522 34.66 -4.42 41.25
CA LEU C 522 33.29 -4.24 41.74
C LEU C 522 32.54 -3.16 40.96
N LEU C 523 31.41 -3.53 40.36
CA LEU C 523 30.64 -2.57 39.57
C LEU C 523 29.69 -1.69 40.38
N GLU C 524 29.28 -0.59 39.76
CA GLU C 524 28.26 0.28 40.29
C GLU C 524 27.20 0.54 39.21
N PRO C 525 25.94 0.70 39.63
CA PRO C 525 24.89 0.93 38.64
C PRO C 525 24.89 2.36 38.11
N LEU C 526 24.42 2.54 36.87
CA LEU C 526 24.17 3.87 36.33
C LEU C 526 22.88 4.39 36.95
N ILE C 527 21.79 3.73 36.60
CA ILE C 527 20.50 4.03 37.20
C ILE C 527 20.39 3.21 38.47
N CYS C 528 19.60 3.71 39.42
CA CYS C 528 19.40 3.04 40.69
C CYS C 528 18.11 3.51 41.34
N LYS C 529 17.03 3.36 40.59
CA LYS C 529 15.75 3.91 40.97
C LYS C 529 14.76 2.82 41.40
N LYS C 530 14.03 3.11 42.47
CA LYS C 530 12.85 2.34 42.86
C LYS C 530 11.72 2.69 41.90
N ILE C 531 11.31 1.74 41.08
CA ILE C 531 10.40 2.08 39.99
C ILE C 531 9.03 1.40 40.05
N ALA C 532 8.89 0.36 40.87
CA ALA C 532 7.59 -0.23 41.08
C ALA C 532 7.17 -0.05 42.51
N HIS C 533 5.90 -0.30 42.80
CA HIS C 533 5.48 -0.30 44.18
C HIS C 533 5.98 -1.57 44.83
N GLU C 534 5.66 -2.72 44.22
CA GLU C 534 6.09 -4.01 44.71
C GLU C 534 7.03 -4.73 43.73
N ARG C 535 7.34 -5.99 44.02
CA ARG C 535 8.48 -6.71 43.40
C ARG C 535 8.43 -6.78 41.88
N LEU C 536 9.60 -6.64 41.26
CA LEU C 536 9.73 -6.61 39.81
C LEU C 536 10.01 -7.99 39.21
N THR C 537 9.17 -8.40 38.26
CA THR C 537 9.18 -9.78 37.78
C THR C 537 9.55 -9.96 36.31
N VAL C 538 9.81 -8.84 35.63
CA VAL C 538 10.04 -8.88 34.18
C VAL C 538 11.00 -7.76 33.81
N LEU C 539 11.91 -8.06 32.88
CA LEU C 539 12.78 -7.04 32.31
C LEU C 539 13.13 -7.41 30.88
N ILE C 540 12.60 -6.65 29.92
CA ILE C 540 12.83 -6.89 28.49
C ILE C 540 13.37 -5.63 27.82
N PHE C 541 14.27 -5.81 26.85
CA PHE C 541 14.77 -4.70 26.05
C PHE C 541 14.25 -4.76 24.62
N LEU C 542 13.50 -3.75 24.20
CA LEU C 542 13.02 -3.70 22.82
C LEU C 542 13.53 -2.45 22.10
N GLU C 543 13.34 -2.40 20.79
CA GLU C 543 13.93 -1.36 19.94
C GLU C 543 13.50 0.03 20.40
N ASP C 544 12.20 0.24 20.48
CA ASP C 544 11.69 1.56 20.82
C ASP C 544 11.51 1.76 22.32
N CYS C 545 11.76 0.71 23.13
CA CYS C 545 11.50 0.81 24.56
C CYS C 545 12.03 -0.31 25.47
N ILE C 546 11.70 -0.17 26.75
CA ILE C 546 12.06 -1.11 27.80
C ILE C 546 10.84 -1.55 28.61
N VAL C 547 10.67 -2.87 28.75
CA VAL C 547 9.50 -3.41 29.43
C VAL C 547 9.79 -3.91 30.86
N THR C 548 8.95 -3.47 31.80
CA THR C 548 9.00 -3.94 33.18
C THR C 548 7.65 -4.42 33.65
N ALA C 549 7.64 -5.48 34.43
CA ALA C 549 6.44 -5.83 35.16
C ALA C 549 6.74 -5.93 36.64
N CYS C 550 5.79 -5.50 37.46
CA CYS C 550 5.81 -5.85 38.87
C CYS C 550 4.68 -6.83 39.12
N GLN C 551 4.82 -7.65 40.16
CA GLN C 551 3.69 -8.44 40.67
C GLN C 551 2.57 -7.44 40.96
N GLU C 552 1.33 -7.90 40.94
CA GLU C 552 0.09 -7.07 40.93
C GLU C 552 -0.25 -6.66 39.50
N GLY C 553 0.65 -6.97 38.56
CA GLY C 553 0.25 -7.22 37.18
C GLY C 553 0.19 -6.11 36.15
N PHE C 554 0.97 -5.06 36.35
CA PHE C 554 0.99 -3.97 35.40
C PHE C 554 2.20 -4.08 34.48
N ILE C 555 1.93 -4.26 33.18
CA ILE C 555 2.97 -4.36 32.17
C ILE C 555 3.36 -2.96 31.68
N CYS C 556 4.49 -2.46 32.19
CA CYS C 556 4.91 -1.09 31.94
C CYS C 556 5.88 -0.96 30.79
N THR C 557 5.69 0.12 30.03
CA THR C 557 6.56 0.45 28.91
C THR C 557 7.36 1.74 29.17
N TRP C 558 8.67 1.70 28.89
CA TRP C 558 9.55 2.85 29.06
C TRP C 558 10.15 3.28 27.74
S SO4 D . -0.95 56.91 -4.77
O1 SO4 D . -1.80 55.82 -5.26
O2 SO4 D . -1.56 58.19 -5.15
O3 SO4 D . -0.82 56.84 -3.31
O4 SO4 D . 0.38 56.81 -5.36
C1 GOL E . -17.43 25.42 10.36
O1 GOL E . -18.65 25.49 9.62
C2 GOL E . -17.64 25.04 11.82
O2 GOL E . -16.55 24.27 12.25
C3 GOL E . -17.68 26.31 12.67
O3 GOL E . -18.82 26.31 13.50
S SO4 F . 3.25 -19.49 -43.66
O1 SO4 F . 3.26 -19.18 -45.09
O2 SO4 F . 2.27 -18.62 -42.98
O3 SO4 F . 2.84 -20.89 -43.49
O4 SO4 F . 4.59 -19.32 -43.10
C1 GOL G . -4.31 10.14 -18.51
O1 GOL G . -5.66 10.01 -18.09
C2 GOL G . -3.42 9.23 -17.65
O2 GOL G . -3.54 7.88 -18.08
C3 GOL G . -1.96 9.64 -17.76
O3 GOL G . -1.30 9.22 -16.59
C1 GOL H . 11.39 -25.79 -47.44
O1 GOL H . 12.76 -25.99 -47.14
C2 GOL H . 10.71 -27.16 -47.45
O2 GOL H . 9.37 -27.04 -47.81
C3 GOL H . 11.47 -28.18 -48.31
O3 GOL H . 10.80 -29.43 -48.36
C1 GOL I . 2.17 -18.66 -29.23
O1 GOL I . 2.01 -17.59 -28.34
C2 GOL I . 0.76 -19.02 -29.70
O2 GOL I . -0.12 -18.85 -28.60
C3 GOL I . 0.40 -18.08 -30.85
O3 GOL I . -0.98 -18.12 -31.08
C1 GOL J . 17.33 -18.97 46.22
O1 GOL J . 18.20 -17.86 46.02
C2 GOL J . 17.93 -19.74 47.37
O2 GOL J . 18.79 -18.89 48.05
C3 GOL J . 16.84 -20.23 48.31
O3 GOL J . 17.33 -21.36 49.04
#